data_6WHN
#
_entry.id   6WHN
#
_cell.length_a   92.349
_cell.length_b   97.665
_cell.length_c   138.989
_cell.angle_alpha   90.000
_cell.angle_beta   90.000
_cell.angle_gamma   90.000
#
_symmetry.space_group_name_H-M   'P 21 21 21'
#
loop_
_entity.id
_entity.type
_entity.pdbx_description
1 polymer 'Histone deacetylase 2'
2 polymer 'U2M-ASN-PRO-LYS-GLN-DLY-TRP-GLY peptide macrocycle'
3 non-polymer 'ZINC ION'
4 non-polymer 'SODIUM ION'
5 non-polymer '2-[N-CYCLOHEXYLAMINO]ETHANE SULFONIC ACID'
6 non-polymer 'TETRAETHYLENE GLYCOL'
7 non-polymer 'TRIETHYLENE GLYCOL'
8 non-polymer DI(HYDROXYETHYL)ETHER
9 water water
#
loop_
_entity_poly.entity_id
_entity_poly.type
_entity_poly.pdbx_seq_one_letter_code
_entity_poly.pdbx_strand_id
1 'polypeptide(L)'
;AAYSQGGGKKKVCYYYDGDIGNYYYGQGHPMKPHRIRMTHNLLLNYGLYRKMEIYRPHKATAEEMTKYHSDEYIKFLRSI
RPDNMSEYSKQMQRFNVGEDCPVFDGLFEFCQLSTGGSVAGAVKLNRQQTDMAVNWAGGLHHAKKSEASGFCYVNDIVLA
ILELLKYHQRVLYIDIDIHHGDGVEEAFYTTDRVMTVSFHKYGEYFPGTGDLRDIGAGKGKYYAVNFPMRDGIDDESYGQ
IFKPIISKVMEMYQPSAVVLQCGADSLSGDRLGCFNLTVKGHAKCVEVVKTFNLPLLMLGGGGYTIRNVARCWTYETAVA
LDCEIPNELPYNDYFEYFGPDFKLHISPSNMTNQNTPEYMEKIKQRLFENLRMLPHAPGVQMQAI
;
A,B,C
2 'polypeptide(L)' (U2M)NPKQ(DLY)WG F,G,H
#
loop_
_chem_comp.id
_chem_comp.type
_chem_comp.name
_chem_comp.formula
NA non-polymer 'SODIUM ION' 'Na 1'
NHE non-polymer '2-[N-CYCLOHEXYLAMINO]ETHANE SULFONIC ACID' 'C8 H17 N O3 S'
PEG non-polymer DI(HYDROXYETHYL)ETHER 'C4 H10 O3'
PG4 non-polymer 'TETRAETHYLENE GLYCOL' 'C8 H18 O5'
PGE non-polymer 'TRIETHYLENE GLYCOL' 'C6 H14 O4'
ZN non-polymer 'ZINC ION' 'Zn 2'
#
# COMPACT_ATOMS: atom_id res chain seq x y z
N ALA A 1 -25.41 -45.00 0.12
CA ALA A 1 -25.12 -44.53 -1.23
C ALA A 1 -24.46 -45.61 -2.08
N ALA A 2 -24.62 -46.86 -1.65
CA ALA A 2 -23.95 -47.98 -2.31
C ALA A 2 -24.38 -48.13 -3.76
N TYR A 3 -25.45 -47.47 -4.19
CA TYR A 3 -25.98 -47.54 -5.54
C TYR A 3 -25.19 -46.69 -6.54
N SER A 4 -24.25 -45.86 -6.09
CA SER A 4 -23.53 -45.00 -7.02
C SER A 4 -22.71 -45.82 -8.02
N GLN A 5 -22.76 -45.40 -9.28
CA GLN A 5 -21.97 -46.00 -10.35
C GLN A 5 -20.91 -45.05 -10.87
N GLY A 6 -20.72 -43.91 -10.23
CA GLY A 6 -19.67 -42.98 -10.61
C GLY A 6 -19.97 -42.11 -11.81
N GLY A 7 -21.21 -42.12 -12.31
CA GLY A 7 -21.61 -41.29 -13.45
C GLY A 7 -22.26 -40.00 -12.98
N GLY A 8 -23.24 -39.53 -13.76
CA GLY A 8 -23.91 -38.32 -13.38
C GLY A 8 -23.18 -37.07 -13.85
N LYS A 9 -23.94 -35.98 -13.98
CA LYS A 9 -23.31 -34.69 -14.18
C LYS A 9 -22.60 -34.29 -12.92
N LYS A 10 -21.59 -33.45 -13.07
CA LYS A 10 -20.75 -33.11 -11.93
C LYS A 10 -21.02 -31.69 -11.47
N LYS A 11 -20.90 -31.50 -10.15
CA LYS A 11 -20.98 -30.18 -9.56
C LYS A 11 -19.67 -29.42 -9.80
N VAL A 12 -19.77 -28.23 -10.38
CA VAL A 12 -18.61 -27.42 -10.77
C VAL A 12 -18.65 -26.07 -10.07
N CYS A 13 -17.56 -25.71 -9.41
CA CYS A 13 -17.37 -24.38 -8.81
C CYS A 13 -16.25 -23.69 -9.56
N TYR A 14 -16.48 -22.47 -9.96
CA TYR A 14 -15.61 -21.73 -10.88
C TYR A 14 -15.16 -20.44 -10.21
N TYR A 15 -13.85 -20.14 -10.30
CA TYR A 15 -13.26 -19.02 -9.58
C TYR A 15 -12.76 -17.98 -10.57
N TYR A 16 -13.13 -16.73 -10.34
CA TYR A 16 -12.76 -15.64 -11.24
C TYR A 16 -12.83 -14.33 -10.50
N ASP A 17 -11.81 -13.48 -10.70
CA ASP A 17 -11.86 -12.09 -10.25
C ASP A 17 -11.88 -11.15 -11.44
N GLY A 18 -12.89 -10.27 -11.51
CA GLY A 18 -13.04 -9.31 -12.62
C GLY A 18 -11.88 -8.33 -12.79
N ASP A 19 -11.00 -8.22 -11.81
CA ASP A 19 -9.80 -7.39 -11.95
C ASP A 19 -8.67 -8.07 -12.71
N ILE A 20 -8.74 -9.39 -12.90
CA ILE A 20 -7.56 -10.16 -13.34
C ILE A 20 -7.10 -9.69 -14.72
N GLY A 21 -8.04 -9.34 -15.59
CA GLY A 21 -7.73 -8.97 -16.96
C GLY A 21 -6.96 -7.67 -17.09
N ASN A 22 -6.86 -6.88 -16.02
CA ASN A 22 -6.20 -5.59 -16.12
C ASN A 22 -4.72 -5.64 -15.79
N TYR A 23 -4.22 -6.78 -15.33
CA TYR A 23 -2.80 -6.90 -15.02
C TYR A 23 -2.04 -7.03 -16.32
N TYR A 24 -0.95 -6.27 -16.46
CA TYR A 24 -0.27 -6.13 -17.74
C TYR A 24 1.21 -6.42 -17.55
N TYR A 25 1.70 -7.46 -18.23
CA TYR A 25 3.08 -7.88 -18.07
C TYR A 25 4.05 -6.93 -18.74
N GLY A 26 3.58 -6.16 -19.70
CA GLY A 26 4.45 -5.24 -20.42
C GLY A 26 4.38 -5.34 -21.92
N GLN A 27 4.89 -4.31 -22.60
CA GLN A 27 4.77 -4.24 -24.05
C GLN A 27 5.50 -5.41 -24.70
N GLY A 28 4.81 -6.11 -25.61
CA GLY A 28 5.36 -7.25 -26.28
C GLY A 28 5.44 -8.52 -25.46
N HIS A 29 5.03 -8.49 -24.17
CA HIS A 29 5.19 -9.74 -23.40
C HIS A 29 4.08 -10.71 -23.77
N PRO A 30 4.40 -11.98 -24.07
CA PRO A 30 3.34 -12.89 -24.55
C PRO A 30 2.28 -13.23 -23.52
N MET A 31 2.56 -13.12 -22.22
CA MET A 31 1.57 -13.50 -21.21
C MET A 31 0.56 -12.38 -21.02
N LYS A 32 -0.71 -12.68 -21.24
CA LYS A 32 -1.76 -11.64 -21.25
C LYS A 32 -2.92 -12.06 -20.35
N PRO A 33 -2.94 -11.59 -19.09
CA PRO A 33 -4.05 -11.94 -18.19
C PRO A 33 -5.41 -11.59 -18.75
N HIS A 34 -5.46 -10.67 -19.72
CA HIS A 34 -6.69 -10.38 -20.43
C HIS A 34 -7.37 -11.62 -21.00
N ARG A 35 -6.61 -12.66 -21.36
CA ARG A 35 -7.22 -13.86 -21.94
C ARG A 35 -8.18 -14.54 -20.95
N ILE A 36 -7.95 -14.35 -19.66
CA ILE A 36 -8.85 -14.90 -18.64
C ILE A 36 -10.20 -14.17 -18.69
N ARG A 37 -10.15 -12.84 -18.84
CA ARG A 37 -11.37 -12.05 -18.98
C ARG A 37 -12.09 -12.42 -20.28
N MET A 38 -11.34 -12.64 -21.36
CA MET A 38 -11.96 -13.08 -22.60
C MET A 38 -12.66 -14.42 -22.41
N THR A 39 -11.99 -15.36 -21.76
CA THR A 39 -12.62 -16.65 -21.46
C THR A 39 -13.92 -16.47 -20.69
N HIS A 40 -13.86 -15.70 -19.59
CA HIS A 40 -15.03 -15.47 -18.76
C HIS A 40 -16.17 -14.90 -19.58
N ASN A 41 -15.89 -13.85 -20.34
CA ASN A 41 -16.95 -13.18 -21.08
C ASN A 41 -17.56 -14.11 -22.12
N LEU A 42 -16.74 -14.95 -22.74
CA LEU A 42 -17.25 -15.89 -23.71
C LEU A 42 -18.15 -16.91 -23.02
N LEU A 43 -17.71 -17.45 -21.88
CA LEU A 43 -18.57 -18.46 -21.30
CA LEU A 43 -18.50 -18.42 -21.10
C LEU A 43 -19.83 -17.84 -20.68
N LEU A 44 -19.80 -16.57 -20.21
CA LEU A 44 -21.04 -15.92 -19.79
C LEU A 44 -21.99 -15.81 -20.97
N ASN A 45 -21.47 -15.43 -22.15
CA ASN A 45 -22.36 -15.25 -23.28
C ASN A 45 -22.88 -16.56 -23.85
N TYR A 46 -22.23 -17.70 -23.57
CA TYR A 46 -22.82 -18.99 -23.88
C TYR A 46 -23.84 -19.42 -22.83
N GLY A 47 -23.97 -18.68 -21.74
CA GLY A 47 -24.91 -19.01 -20.69
C GLY A 47 -24.42 -20.05 -19.71
N LEU A 48 -23.13 -20.39 -19.73
CA LEU A 48 -22.67 -21.45 -18.85
C LEU A 48 -22.75 -21.09 -17.36
N TYR A 49 -22.95 -19.80 -17.01
CA TYR A 49 -23.14 -19.44 -15.60
C TYR A 49 -24.41 -20.05 -15.04
N ARG A 50 -25.34 -20.46 -15.90
CA ARG A 50 -26.57 -21.02 -15.34
C ARG A 50 -26.34 -22.40 -14.76
N LYS A 51 -25.18 -23.00 -15.01
CA LYS A 51 -24.95 -24.41 -14.76
C LYS A 51 -23.86 -24.63 -13.73
N MET A 52 -23.21 -23.57 -13.24
CA MET A 52 -22.16 -23.73 -12.25
C MET A 52 -22.22 -22.60 -11.23
N GLU A 53 -21.53 -22.80 -10.11
CA GLU A 53 -21.42 -21.78 -9.09
C GLU A 53 -20.19 -20.95 -9.37
N ILE A 54 -20.33 -19.62 -9.39
CA ILE A 54 -19.22 -18.70 -9.68
C ILE A 54 -18.84 -17.98 -8.41
N TYR A 55 -17.56 -18.04 -8.07
CA TYR A 55 -16.98 -17.47 -6.87
C TYR A 55 -15.85 -16.52 -7.23
N ARG A 56 -15.71 -15.48 -6.43
CA ARG A 56 -14.58 -14.58 -6.55
C ARG A 56 -13.54 -15.01 -5.53
N PRO A 57 -12.34 -15.40 -5.94
CA PRO A 57 -11.36 -15.85 -4.95
C PRO A 57 -10.96 -14.71 -4.01
N HIS A 58 -10.52 -15.08 -2.82
CA HIS A 58 -9.80 -14.13 -1.99
C HIS A 58 -8.39 -13.90 -2.51
N LYS A 59 -7.78 -12.82 -2.02
CA LYS A 59 -6.34 -12.57 -2.24
C LYS A 59 -5.52 -13.40 -1.26
N ALA A 60 -4.85 -14.45 -1.75
CA ALA A 60 -4.05 -15.28 -0.86
C ALA A 60 -2.99 -14.44 -0.15
N THR A 61 -2.78 -14.76 1.13
CA THR A 61 -1.86 -13.95 1.90
C THR A 61 -0.43 -14.43 1.72
N ALA A 62 0.52 -13.54 2.03
CA ALA A 62 1.94 -13.91 2.00
C ALA A 62 2.18 -15.17 2.80
N GLU A 63 1.50 -15.30 3.91
CA GLU A 63 1.61 -16.47 4.78
C GLU A 63 1.07 -17.74 4.11
N GLU A 64 -0.06 -17.65 3.40
CA GLU A 64 -0.52 -18.80 2.62
C GLU A 64 0.57 -19.21 1.64
N MET A 65 1.23 -18.23 1.04
CA MET A 65 2.20 -18.57 0.00
C MET A 65 3.45 -19.20 0.58
N THR A 66 3.84 -18.83 1.81
CA THR A 66 5.03 -19.42 2.42
C THR A 66 4.77 -20.81 2.98
N LYS A 67 3.60 -21.41 2.73
CA LYS A 67 3.50 -22.85 2.96
C LYS A 67 4.44 -23.62 2.04
N TYR A 68 4.84 -23.01 0.91
CA TYR A 68 5.86 -23.57 0.02
C TYR A 68 7.00 -22.63 -0.22
N HIS A 69 6.72 -21.38 -0.62
CA HIS A 69 7.78 -20.48 -1.02
C HIS A 69 8.56 -19.96 0.18
N SER A 70 9.83 -19.59 -0.07
CA SER A 70 10.64 -19.05 1.01
C SER A 70 10.11 -17.69 1.47
N ASP A 71 10.30 -17.40 2.76
CA ASP A 71 9.91 -16.10 3.28
C ASP A 71 10.59 -14.97 2.53
N GLU A 72 11.89 -15.11 2.21
CA GLU A 72 12.59 -14.03 1.56
C GLU A 72 12.05 -13.73 0.18
N TYR A 73 11.64 -14.79 -0.56
CA TYR A 73 11.15 -14.56 -1.91
C TYR A 73 9.77 -13.90 -1.88
N ILE A 74 8.89 -14.38 -1.00
CA ILE A 74 7.57 -13.77 -0.91
C ILE A 74 7.67 -12.33 -0.41
N LYS A 75 8.59 -12.04 0.52
CA LYS A 75 8.80 -10.66 0.96
C LYS A 75 9.23 -9.77 -0.20
N PHE A 76 10.11 -10.29 -1.06
CA PHE A 76 10.51 -9.57 -2.25
C PHE A 76 9.33 -9.31 -3.18
N LEU A 77 8.53 -10.34 -3.47
CA LEU A 77 7.41 -10.14 -4.38
C LEU A 77 6.43 -9.10 -3.83
N ARG A 78 6.27 -9.06 -2.51
CA ARG A 78 5.38 -8.08 -1.89
C ARG A 78 5.91 -6.67 -1.98
N SER A 79 7.22 -6.49 -2.13
CA SER A 79 7.89 -5.20 -2.00
C SER A 79 8.26 -4.57 -3.33
N ILE A 80 8.61 -5.38 -4.33
CA ILE A 80 9.15 -4.87 -5.58
C ILE A 80 8.05 -4.21 -6.42
N ARG A 81 8.39 -3.07 -7.03
CA ARG A 81 7.48 -2.28 -7.86
C ARG A 81 8.28 -1.63 -8.98
N PRO A 82 7.63 -1.23 -10.07
CA PRO A 82 8.39 -0.54 -11.14
C PRO A 82 9.11 0.70 -10.64
N ASP A 83 8.57 1.36 -9.61
CA ASP A 83 9.18 2.61 -9.14
C ASP A 83 10.36 2.40 -8.20
N ASN A 84 10.53 1.21 -7.61
CA ASN A 84 11.70 0.96 -6.76
C ASN A 84 12.63 -0.11 -7.32
N MET A 85 12.44 -0.51 -8.58
CA MET A 85 13.26 -1.56 -9.19
C MET A 85 14.74 -1.28 -9.08
N SER A 86 15.14 -0.02 -9.32
CA SER A 86 16.55 0.35 -9.32
C SER A 86 17.25 -0.07 -8.04
N GLU A 87 16.58 0.07 -6.90
CA GLU A 87 17.16 -0.28 -5.61
C GLU A 87 17.23 -1.78 -5.37
N TYR A 88 16.61 -2.58 -6.22
CA TYR A 88 16.52 -4.02 -5.98
C TYR A 88 17.23 -4.82 -7.08
N SER A 89 18.18 -4.21 -7.80
CA SER A 89 18.78 -4.89 -8.94
C SER A 89 19.39 -6.23 -8.53
N LYS A 90 19.99 -6.30 -7.34
CA LYS A 90 20.58 -7.56 -6.91
C LYS A 90 19.52 -8.61 -6.64
N GLN A 91 18.46 -8.22 -5.92
CA GLN A 91 17.41 -9.17 -5.59
C GLN A 91 16.65 -9.60 -6.84
N MET A 92 16.50 -8.70 -7.82
CA MET A 92 15.82 -9.08 -9.06
C MET A 92 16.56 -10.24 -9.73
N GLN A 93 17.88 -10.17 -9.77
CA GLN A 93 18.61 -11.27 -10.40
C GLN A 93 18.53 -12.54 -9.57
N ARG A 94 18.62 -12.43 -8.24
CA ARG A 94 18.59 -13.63 -7.39
C ARG A 94 17.28 -14.38 -7.51
N PHE A 95 16.17 -13.65 -7.62
CA PHE A 95 14.86 -14.29 -7.67
C PHE A 95 14.33 -14.45 -9.10
N ASN A 96 15.16 -14.13 -10.08
CA ASN A 96 14.89 -14.30 -11.51
C ASN A 96 13.68 -13.48 -11.96
N VAL A 97 13.67 -12.22 -11.55
CA VAL A 97 12.65 -11.28 -11.99
C VAL A 97 13.31 -10.15 -12.79
N GLY A 98 12.63 -9.67 -13.82
CA GLY A 98 13.09 -8.56 -14.62
C GLY A 98 13.49 -8.90 -16.03
N GLU A 99 13.25 -10.13 -16.49
CA GLU A 99 13.43 -10.49 -17.90
C GLU A 99 12.15 -11.19 -18.34
N ASP A 100 12.16 -12.53 -18.41
CA ASP A 100 10.95 -13.30 -18.75
C ASP A 100 9.82 -13.05 -17.78
N CYS A 101 10.16 -12.77 -16.54
CA CYS A 101 9.23 -12.56 -15.43
C CYS A 101 9.38 -11.11 -14.96
N PRO A 102 8.73 -10.17 -15.65
CA PRO A 102 8.97 -8.74 -15.35
C PRO A 102 8.32 -8.31 -14.06
N VAL A 103 8.83 -7.17 -13.57
CA VAL A 103 8.13 -6.37 -12.56
C VAL A 103 7.05 -5.57 -13.27
N PHE A 104 5.81 -5.66 -12.79
CA PHE A 104 4.73 -4.86 -13.34
C PHE A 104 3.82 -4.42 -12.20
N ASP A 105 3.06 -3.35 -12.48
CA ASP A 105 2.14 -2.77 -11.50
C ASP A 105 1.17 -3.83 -11.04
N GLY A 106 1.09 -4.04 -9.73
CA GLY A 106 0.16 -5.00 -9.16
C GLY A 106 0.61 -6.44 -9.23
N LEU A 107 1.89 -6.67 -9.51
CA LEU A 107 2.42 -8.04 -9.58
C LEU A 107 1.97 -8.88 -8.39
N PHE A 108 2.15 -8.38 -7.17
CA PHE A 108 1.82 -9.21 -6.03
C PHE A 108 0.32 -9.53 -6.00
N GLU A 109 -0.52 -8.53 -6.28
CA GLU A 109 -1.96 -8.76 -6.29
CA GLU A 109 -1.96 -8.78 -6.27
C GLU A 109 -2.36 -9.81 -7.32
N PHE A 110 -1.74 -9.75 -8.49
CA PHE A 110 -1.99 -10.76 -9.51
C PHE A 110 -1.65 -12.16 -8.98
N CYS A 111 -0.50 -12.29 -8.29
CA CYS A 111 -0.15 -13.57 -7.67
C CYS A 111 -1.17 -13.99 -6.63
N GLN A 112 -1.67 -13.02 -5.84
CA GLN A 112 -2.63 -13.33 -4.79
C GLN A 112 -3.93 -13.86 -5.35
N LEU A 113 -4.39 -13.31 -6.50
CA LEU A 113 -5.66 -13.73 -7.09
C LEU A 113 -5.52 -15.05 -7.83
N SER A 114 -4.39 -15.22 -8.54
CA SER A 114 -4.08 -16.51 -9.16
C SER A 114 -4.06 -17.62 -8.12
N THR A 115 -3.32 -17.39 -7.03
CA THR A 115 -3.19 -18.38 -5.98
C THR A 115 -4.48 -18.56 -5.22
N GLY A 116 -5.17 -17.45 -4.90
CA GLY A 116 -6.40 -17.56 -4.11
C GLY A 116 -7.43 -18.46 -4.77
N GLY A 117 -7.57 -18.38 -6.11
CA GLY A 117 -8.51 -19.26 -6.79
C GLY A 117 -8.16 -20.74 -6.65
N SER A 118 -6.86 -21.06 -6.71
CA SER A 118 -6.49 -22.46 -6.66
C SER A 118 -6.61 -23.02 -5.26
N VAL A 119 -6.21 -22.26 -4.24
CA VAL A 119 -6.33 -22.72 -2.86
CA VAL A 119 -6.33 -22.79 -2.89
C VAL A 119 -7.79 -22.77 -2.45
N ALA A 120 -8.57 -21.76 -2.87
CA ALA A 120 -10.01 -21.80 -2.55
C ALA A 120 -10.68 -23.01 -3.18
N GLY A 121 -10.34 -23.32 -4.42
CA GLY A 121 -10.87 -24.52 -5.06
C GLY A 121 -10.50 -25.80 -4.31
N ALA A 122 -9.24 -25.87 -3.87
CA ALA A 122 -8.77 -27.02 -3.10
C ALA A 122 -9.56 -27.18 -1.80
N VAL A 123 -9.79 -26.07 -1.09
CA VAL A 123 -10.58 -26.12 0.15
C VAL A 123 -11.98 -26.64 -0.15
N LYS A 124 -12.61 -26.13 -1.22
CA LYS A 124 -13.97 -26.56 -1.57
C LYS A 124 -14.02 -28.07 -1.85
N LEU A 125 -13.01 -28.59 -2.57
CA LEU A 125 -12.89 -30.02 -2.77
C LEU A 125 -12.68 -30.78 -1.45
N ASN A 126 -11.79 -30.29 -0.59
CA ASN A 126 -11.55 -30.94 0.69
C ASN A 126 -12.82 -31.02 1.50
N ARG A 127 -13.64 -29.97 1.45
CA ARG A 127 -14.91 -29.96 2.20
C ARG A 127 -15.99 -30.82 1.55
N GLN A 128 -15.67 -31.49 0.45
CA GLN A 128 -16.62 -32.32 -0.27
C GLN A 128 -17.85 -31.52 -0.70
N GLN A 129 -17.63 -30.26 -1.07
CA GLN A 129 -18.72 -29.40 -1.51
C GLN A 129 -18.76 -29.19 -3.02
N THR A 130 -17.86 -29.81 -3.76
CA THR A 130 -17.98 -29.78 -5.20
C THR A 130 -17.29 -31.02 -5.78
N ASP A 131 -17.62 -31.37 -7.03
CA ASP A 131 -16.85 -32.41 -7.71
C ASP A 131 -15.65 -31.83 -8.41
N MET A 132 -15.81 -30.63 -8.99
CA MET A 132 -14.75 -29.98 -9.74
C MET A 132 -14.65 -28.53 -9.28
N ALA A 133 -13.44 -28.00 -9.28
CA ALA A 133 -13.20 -26.58 -9.04
C ALA A 133 -12.33 -26.11 -10.19
N VAL A 134 -12.63 -24.95 -10.74
CA VAL A 134 -11.97 -24.44 -11.94
C VAL A 134 -11.36 -23.08 -11.62
N ASN A 135 -10.09 -22.90 -11.97
CA ASN A 135 -9.44 -21.60 -11.77
C ASN A 135 -8.55 -21.36 -13.00
N TRP A 136 -9.09 -20.69 -14.00
CA TRP A 136 -8.31 -20.48 -15.23
C TRP A 136 -7.17 -19.50 -15.03
N ALA A 137 -7.17 -18.70 -13.96
CA ALA A 137 -6.05 -17.81 -13.65
C ALA A 137 -4.90 -18.53 -12.97
N GLY A 138 -5.06 -19.78 -12.59
CA GLY A 138 -4.00 -20.54 -11.95
C GLY A 138 -3.29 -21.44 -12.95
N GLY A 139 -2.58 -22.44 -12.42
CA GLY A 139 -1.80 -23.33 -13.28
C GLY A 139 -0.41 -22.82 -13.56
N LEU A 140 0.16 -21.97 -12.72
CA LEU A 140 1.42 -21.29 -13.08
C LEU A 140 2.56 -22.21 -12.62
N HIS A 141 2.77 -23.26 -13.44
CA HIS A 141 3.51 -24.47 -13.05
C HIS A 141 5.03 -24.33 -12.95
N HIS A 142 5.61 -23.23 -13.46
CA HIS A 142 7.07 -23.09 -13.46
C HIS A 142 7.63 -22.43 -12.22
N ALA A 143 6.81 -21.76 -11.39
CA ALA A 143 7.41 -21.05 -10.27
C ALA A 143 8.06 -22.02 -9.28
N LYS A 144 9.21 -21.60 -8.75
CA LYS A 144 9.99 -22.43 -7.85
C LYS A 144 9.92 -21.90 -6.43
N LYS A 145 10.47 -22.66 -5.49
CA LYS A 145 10.38 -22.28 -4.09
C LYS A 145 10.89 -20.86 -3.83
N SER A 146 12.03 -20.49 -4.42
CA SER A 146 12.63 -19.19 -4.21
C SER A 146 12.96 -18.45 -5.51
N GLU A 147 12.22 -18.67 -6.59
CA GLU A 147 12.47 -17.90 -7.80
C GLU A 147 11.29 -18.02 -8.76
N ALA A 148 11.10 -16.96 -9.54
CA ALA A 148 10.15 -16.93 -10.63
C ALA A 148 10.74 -17.69 -11.81
N SER A 149 9.86 -18.15 -12.70
CA SER A 149 10.33 -18.82 -13.91
C SER A 149 9.18 -18.89 -14.89
N GLY A 150 9.45 -18.66 -16.17
CA GLY A 150 8.46 -19.05 -17.16
C GLY A 150 7.14 -18.30 -17.02
N PHE A 151 7.24 -17.02 -16.70
CA PHE A 151 6.10 -16.09 -16.54
C PHE A 151 5.32 -16.36 -15.27
N CYS A 152 5.82 -17.24 -14.40
CA CYS A 152 5.13 -17.69 -13.18
C CYS A 152 5.91 -17.20 -11.98
N TYR A 153 5.23 -16.66 -10.97
CA TYR A 153 5.94 -16.19 -9.78
C TYR A 153 5.61 -16.98 -8.53
N VAL A 154 4.33 -17.29 -8.30
CA VAL A 154 3.91 -18.06 -7.14
C VAL A 154 3.29 -19.32 -7.68
N ASN A 155 3.72 -20.48 -7.17
CA ASN A 155 3.23 -21.74 -7.72
C ASN A 155 1.91 -22.10 -7.04
N ASP A 156 0.83 -21.62 -7.64
CA ASP A 156 -0.51 -21.87 -7.07
C ASP A 156 -0.85 -23.33 -7.06
N ILE A 157 -0.26 -24.10 -7.99
CA ILE A 157 -0.53 -25.52 -8.06
C ILE A 157 0.05 -26.24 -6.85
N VAL A 158 1.32 -25.96 -6.54
CA VAL A 158 1.95 -26.59 -5.39
C VAL A 158 1.18 -26.24 -4.12
N LEU A 159 0.80 -24.96 -3.99
CA LEU A 159 0.02 -24.56 -2.82
C LEU A 159 -1.33 -25.26 -2.76
N ALA A 160 -2.01 -25.43 -3.91
CA ALA A 160 -3.29 -26.14 -3.89
C ALA A 160 -3.10 -27.62 -3.56
N ILE A 161 -2.02 -28.23 -4.05
CA ILE A 161 -1.78 -29.64 -3.75
C ILE A 161 -1.47 -29.83 -2.26
N LEU A 162 -0.67 -28.93 -1.68
CA LEU A 162 -0.43 -28.95 -0.23
C LEU A 162 -1.74 -28.89 0.54
N GLU A 163 -2.69 -28.07 0.07
CA GLU A 163 -4.00 -28.03 0.71
C GLU A 163 -4.73 -29.35 0.56
N LEU A 164 -4.78 -29.91 -0.66
CA LEU A 164 -5.41 -31.22 -0.85
C LEU A 164 -4.80 -32.31 0.04
N LEU A 165 -3.47 -32.27 0.26
CA LEU A 165 -2.80 -33.31 1.03
C LEU A 165 -3.23 -33.32 2.49
N LYS A 166 -3.88 -32.26 2.99
CA LYS A 166 -4.45 -32.33 4.33
C LYS A 166 -5.53 -33.40 4.47
N TYR A 167 -6.23 -33.72 3.38
CA TYR A 167 -7.33 -34.66 3.42
C TYR A 167 -7.19 -35.82 2.45
N HIS A 168 -6.16 -35.83 1.63
CA HIS A 168 -6.01 -36.87 0.62
C HIS A 168 -4.62 -37.47 0.72
N GLN A 169 -4.59 -38.80 0.81
CA GLN A 169 -3.32 -39.47 0.98
C GLN A 169 -2.46 -39.37 -0.27
N ARG A 170 -3.10 -39.52 -1.44
CA ARG A 170 -2.41 -39.52 -2.74
C ARG A 170 -3.10 -38.54 -3.67
N VAL A 171 -2.31 -37.64 -4.27
CA VAL A 171 -2.84 -36.64 -5.20
C VAL A 171 -2.12 -36.83 -6.54
N LEU A 172 -2.89 -36.83 -7.61
CA LEU A 172 -2.32 -36.95 -8.97
C LEU A 172 -2.34 -35.60 -9.66
N TYR A 173 -1.20 -35.20 -10.21
CA TYR A 173 -1.08 -33.95 -10.98
C TYR A 173 -0.83 -34.32 -12.43
N ILE A 174 -1.56 -33.71 -13.34
CA ILE A 174 -1.44 -33.98 -14.79
C ILE A 174 -1.28 -32.65 -15.49
N ASP A 175 -0.32 -32.55 -16.38
CA ASP A 175 0.09 -31.26 -16.97
C ASP A 175 0.12 -31.38 -18.49
N ILE A 176 -0.87 -30.78 -19.20
CA ILE A 176 -0.92 -30.85 -20.66
C ILE A 176 -0.50 -29.53 -21.32
N ASP A 177 0.02 -28.58 -20.55
CA ASP A 177 0.79 -27.45 -21.11
C ASP A 177 1.87 -27.99 -22.04
N ILE A 178 2.25 -27.25 -23.10
CA ILE A 178 3.32 -27.75 -23.96
C ILE A 178 4.65 -27.81 -23.23
N HIS A 179 4.81 -27.04 -22.14
CA HIS A 179 6.06 -27.04 -21.39
C HIS A 179 6.02 -27.99 -20.19
N HIS A 180 7.17 -28.55 -19.89
CA HIS A 180 7.28 -29.47 -18.76
C HIS A 180 6.87 -28.77 -17.47
N GLY A 181 6.10 -29.48 -16.62
CA GLY A 181 5.65 -28.91 -15.35
C GLY A 181 6.74 -29.03 -14.30
N ASP A 182 7.83 -28.30 -14.49
CA ASP A 182 9.03 -28.50 -13.68
C ASP A 182 8.87 -28.04 -12.24
N GLY A 183 8.18 -26.91 -12.00
CA GLY A 183 8.06 -26.44 -10.62
C GLY A 183 7.27 -27.39 -9.73
N VAL A 184 6.21 -27.98 -10.29
CA VAL A 184 5.39 -28.94 -9.55
C VAL A 184 6.16 -30.23 -9.33
N GLU A 185 6.84 -30.70 -10.38
CA GLU A 185 7.57 -31.95 -10.26
C GLU A 185 8.69 -31.81 -9.23
N GLU A 186 9.38 -30.67 -9.22
CA GLU A 186 10.46 -30.45 -8.26
C GLU A 186 9.92 -30.46 -6.84
N ALA A 187 8.78 -29.80 -6.60
CA ALA A 187 8.27 -29.74 -5.24
C ALA A 187 8.00 -31.12 -4.65
N PHE A 188 7.55 -32.07 -5.47
CA PHE A 188 7.08 -33.37 -5.02
C PHE A 188 7.96 -34.52 -5.48
N TYR A 189 9.18 -34.22 -5.91
CA TYR A 189 10.02 -35.20 -6.59
C TYR A 189 10.36 -36.35 -5.66
N THR A 190 10.43 -36.08 -4.34
CA THR A 190 10.87 -37.10 -3.40
C THR A 190 9.75 -37.64 -2.52
N THR A 191 8.48 -37.44 -2.89
CA THR A 191 7.40 -38.06 -2.14
C THR A 191 6.53 -38.92 -3.04
N ASP A 192 5.99 -40.01 -2.48
CA ASP A 192 4.95 -40.80 -3.15
C ASP A 192 3.54 -40.28 -2.92
N ARG A 193 3.38 -39.21 -2.15
CA ARG A 193 2.03 -38.71 -1.89
C ARG A 193 1.55 -37.82 -3.00
N VAL A 194 2.41 -37.44 -3.94
CA VAL A 194 2.00 -36.72 -5.14
C VAL A 194 2.69 -37.38 -6.31
N MET A 195 1.90 -37.87 -7.27
CA MET A 195 2.46 -38.33 -8.53
C MET A 195 2.28 -37.24 -9.57
N THR A 196 3.35 -36.87 -10.28
CA THR A 196 3.28 -35.82 -11.30
C THR A 196 3.44 -36.42 -12.68
N VAL A 197 2.56 -36.06 -13.61
CA VAL A 197 2.55 -36.61 -14.96
C VAL A 197 2.54 -35.43 -15.92
N SER A 198 3.61 -35.26 -16.69
CA SER A 198 3.70 -34.16 -17.65
C SER A 198 3.91 -34.67 -19.06
N PHE A 199 3.12 -34.17 -19.98
CA PHE A 199 3.29 -34.33 -21.43
C PHE A 199 3.79 -33.01 -21.98
N HIS A 200 4.87 -33.00 -22.79
CA HIS A 200 5.46 -31.71 -23.13
C HIS A 200 6.41 -31.90 -24.31
N LYS A 201 6.64 -30.81 -25.03
CA LYS A 201 7.72 -30.80 -26.03
C LYS A 201 9.05 -30.86 -25.30
N TYR A 202 9.96 -31.67 -25.82
CA TYR A 202 11.25 -31.88 -25.16
C TYR A 202 12.35 -31.88 -26.21
N GLY A 203 13.40 -31.09 -25.96
CA GLY A 203 14.51 -30.92 -26.91
C GLY A 203 14.64 -29.49 -27.40
N GLU A 204 15.71 -28.81 -26.95
CA GLU A 204 15.96 -27.40 -27.28
C GLU A 204 14.72 -26.56 -27.04
N TYR A 205 14.20 -26.67 -25.82
CA TYR A 205 12.90 -26.08 -25.53
C TYR A 205 12.80 -25.86 -24.03
N PHE A 206 12.20 -24.75 -23.66
CA PHE A 206 12.04 -24.42 -22.25
C PHE A 206 11.16 -25.45 -21.55
N PRO A 207 11.46 -25.84 -20.31
CA PRO A 207 12.56 -25.34 -19.47
C PRO A 207 13.81 -26.23 -19.56
N GLY A 208 13.78 -27.24 -20.43
CA GLY A 208 14.93 -28.14 -20.58
C GLY A 208 14.87 -29.40 -19.75
N THR A 209 13.88 -29.56 -18.89
CA THR A 209 13.70 -30.74 -18.05
C THR A 209 12.55 -31.60 -18.59
N GLY A 210 12.26 -32.70 -17.91
CA GLY A 210 11.19 -33.58 -18.35
C GLY A 210 11.63 -34.68 -19.29
N ASP A 211 12.86 -35.15 -19.16
CA ASP A 211 13.28 -36.35 -19.85
C ASP A 211 12.50 -37.54 -19.32
N LEU A 212 12.22 -38.52 -20.19
CA LEU A 212 11.44 -39.63 -19.67
C LEU A 212 12.23 -40.43 -18.64
N ARG A 213 13.56 -40.26 -18.57
CA ARG A 213 14.34 -40.92 -17.52
C ARG A 213 14.28 -40.22 -16.18
N ASP A 214 13.60 -39.07 -16.09
CA ASP A 214 13.39 -38.39 -14.80
C ASP A 214 12.13 -38.99 -14.17
N ILE A 215 12.30 -39.86 -13.16
CA ILE A 215 11.21 -40.68 -12.64
C ILE A 215 10.96 -40.45 -11.16
N GLY A 216 11.62 -39.47 -10.56
CA GLY A 216 11.53 -39.21 -9.13
C GLY A 216 12.71 -39.81 -8.40
N ALA A 217 12.75 -39.54 -7.09
CA ALA A 217 13.93 -39.90 -6.30
C ALA A 217 13.50 -40.29 -4.88
N GLY A 218 14.27 -41.18 -4.24
CA GLY A 218 13.94 -41.61 -2.89
C GLY A 218 12.57 -42.26 -2.82
N LYS A 219 11.75 -41.83 -1.84
CA LYS A 219 10.41 -42.41 -1.72
C LYS A 219 9.52 -42.06 -2.91
N GLY A 220 9.90 -41.00 -3.62
CA GLY A 220 9.22 -40.58 -4.84
C GLY A 220 9.70 -41.25 -6.11
N LYS A 221 10.64 -42.19 -6.02
CA LYS A 221 11.03 -42.89 -7.24
C LYS A 221 9.85 -43.67 -7.82
N TYR A 222 9.62 -43.47 -9.13
CA TYR A 222 8.52 -43.96 -9.96
C TYR A 222 7.25 -43.12 -9.80
N TYR A 223 7.30 -42.01 -9.07
CA TYR A 223 6.10 -41.17 -8.93
C TYR A 223 6.23 -39.88 -9.71
N ALA A 224 7.21 -39.77 -10.59
CA ALA A 224 7.23 -38.68 -11.58
C ALA A 224 7.22 -39.37 -12.93
N VAL A 225 6.35 -38.90 -13.83
CA VAL A 225 6.16 -39.49 -15.16
C VAL A 225 6.27 -38.38 -16.18
N ASN A 226 7.14 -38.55 -17.17
CA ASN A 226 7.37 -37.54 -18.20
C ASN A 226 7.24 -38.17 -19.56
N PHE A 227 6.42 -37.56 -20.42
CA PHE A 227 6.25 -38.01 -21.79
C PHE A 227 6.81 -36.93 -22.72
N PRO A 228 8.06 -37.05 -23.19
CA PRO A 228 8.68 -36.04 -24.05
C PRO A 228 8.23 -36.22 -25.48
N MET A 229 7.91 -35.08 -26.14
CA MET A 229 7.31 -35.08 -27.47
C MET A 229 8.08 -34.14 -28.38
N ARG A 230 7.88 -34.30 -29.69
CA ARG A 230 8.51 -33.47 -30.71
C ARG A 230 7.47 -32.51 -31.25
N ASP A 231 7.89 -31.65 -32.18
CA ASP A 231 6.95 -30.72 -32.80
C ASP A 231 5.81 -31.42 -33.50
N GLY A 232 4.67 -30.75 -33.53
CA GLY A 232 3.62 -31.09 -34.47
C GLY A 232 2.66 -32.16 -34.06
N ILE A 233 2.63 -32.55 -32.76
CA ILE A 233 1.71 -33.61 -32.37
C ILE A 233 0.27 -33.18 -32.64
N ASP A 234 -0.55 -34.11 -33.09
CA ASP A 234 -1.91 -33.80 -33.48
C ASP A 234 -2.88 -34.54 -32.58
N ASP A 235 -4.18 -34.30 -32.82
CA ASP A 235 -5.22 -34.85 -31.93
C ASP A 235 -5.13 -36.36 -31.88
N GLU A 236 -4.99 -36.99 -33.05
CA GLU A 236 -5.00 -38.45 -33.09
C GLU A 236 -3.82 -39.03 -32.34
N SER A 237 -2.63 -38.47 -32.52
CA SER A 237 -1.45 -38.98 -31.81
C SER A 237 -1.59 -38.75 -30.32
N TYR A 238 -2.05 -37.56 -29.93
CA TYR A 238 -2.13 -37.29 -28.49
C TYR A 238 -3.13 -38.21 -27.83
N GLY A 239 -4.28 -38.40 -28.47
CA GLY A 239 -5.36 -39.13 -27.83
C GLY A 239 -5.05 -40.61 -27.69
N GLN A 240 -4.20 -41.12 -28.56
CA GLN A 240 -3.84 -42.53 -28.49
C GLN A 240 -2.83 -42.84 -27.41
N ILE A 241 -2.19 -41.84 -26.82
CA ILE A 241 -1.34 -42.12 -25.67
C ILE A 241 -1.92 -41.58 -24.38
N PHE A 242 -2.73 -40.51 -24.41
CA PHE A 242 -3.15 -39.90 -23.15
C PHE A 242 -4.07 -40.83 -22.35
N LYS A 243 -5.15 -41.33 -22.96
CA LYS A 243 -6.04 -42.20 -22.20
C LYS A 243 -5.35 -43.46 -21.71
N PRO A 244 -4.51 -44.15 -22.50
CA PRO A 244 -3.84 -45.34 -21.92
C PRO A 244 -2.92 -45.02 -20.77
N ILE A 245 -2.16 -43.94 -20.85
CA ILE A 245 -1.24 -43.59 -19.77
CA ILE A 245 -1.25 -43.62 -19.75
C ILE A 245 -2.02 -43.21 -18.51
N ILE A 246 -3.02 -42.33 -18.66
CA ILE A 246 -3.74 -41.90 -17.48
C ILE A 246 -4.50 -43.07 -16.87
N SER A 247 -5.06 -43.95 -17.71
CA SER A 247 -5.77 -45.12 -17.17
C SER A 247 -4.82 -46.00 -16.36
N LYS A 248 -3.62 -46.22 -16.87
CA LYS A 248 -2.65 -47.03 -16.13
C LYS A 248 -2.21 -46.34 -14.85
N VAL A 249 -2.02 -45.03 -14.90
CA VAL A 249 -1.70 -44.29 -13.69
C VAL A 249 -2.82 -44.41 -12.67
N MET A 250 -4.07 -44.23 -13.11
CA MET A 250 -5.19 -44.35 -12.18
C MET A 250 -5.22 -45.74 -11.54
N GLU A 251 -4.97 -46.77 -12.36
CA GLU A 251 -4.99 -48.15 -11.87
C GLU A 251 -3.91 -48.42 -10.84
N MET A 252 -2.67 -47.99 -11.14
CA MET A 252 -1.54 -48.31 -10.28
C MET A 252 -1.46 -47.39 -9.06
N TYR A 253 -1.75 -46.09 -9.22
CA TYR A 253 -1.54 -45.11 -8.15
C TYR A 253 -2.78 -44.88 -7.29
N GLN A 254 -3.97 -45.07 -7.84
CA GLN A 254 -5.22 -44.90 -7.11
C GLN A 254 -5.27 -43.60 -6.30
N PRO A 255 -5.14 -42.47 -6.95
CA PRO A 255 -5.22 -41.18 -6.25
C PRO A 255 -6.62 -40.95 -5.70
N SER A 256 -6.70 -40.11 -4.67
CA SER A 256 -8.02 -39.68 -4.24
C SER A 256 -8.38 -38.26 -4.63
N ALA A 257 -7.45 -37.53 -5.24
CA ALA A 257 -7.80 -36.23 -5.81
C ALA A 257 -6.84 -36.00 -6.98
N VAL A 258 -7.27 -35.15 -7.92
CA VAL A 258 -6.53 -34.91 -9.16
C VAL A 258 -6.47 -33.41 -9.41
N VAL A 259 -5.33 -32.93 -9.88
CA VAL A 259 -5.16 -31.55 -10.34
C VAL A 259 -4.73 -31.64 -11.78
N LEU A 260 -5.49 -30.99 -12.67
CA LEU A 260 -5.23 -31.03 -14.11
C LEU A 260 -4.88 -29.63 -14.57
N GLN A 261 -3.64 -29.41 -14.99
CA GLN A 261 -3.23 -28.13 -15.58
C GLN A 261 -3.49 -28.20 -17.08
N CYS A 262 -4.30 -27.25 -17.58
CA CYS A 262 -4.83 -27.25 -18.94
C CYS A 262 -4.19 -26.18 -19.78
N GLY A 263 -2.87 -25.97 -19.63
CA GLY A 263 -2.17 -24.97 -20.43
C GLY A 263 -2.50 -25.10 -21.91
N ALA A 264 -2.92 -24.00 -22.54
CA ALA A 264 -3.46 -24.02 -23.87
C ALA A 264 -2.41 -23.70 -24.92
N ASP A 265 -1.14 -23.63 -24.52
CA ASP A 265 -0.06 -23.43 -25.50
C ASP A 265 0.32 -24.72 -26.24
N SER A 266 -0.35 -25.83 -25.94
CA SER A 266 -0.27 -27.04 -26.77
C SER A 266 -1.23 -27.02 -27.95
N LEU A 267 -1.98 -25.92 -28.16
CA LEU A 267 -2.87 -25.83 -29.31
C LEU A 267 -2.13 -25.39 -30.57
N SER A 268 -2.64 -25.91 -31.69
CA SER A 268 -2.23 -25.41 -33.01
C SER A 268 -2.25 -23.89 -33.04
N GLY A 269 -1.20 -23.30 -33.57
CA GLY A 269 -1.17 -21.88 -33.79
C GLY A 269 -0.73 -21.05 -32.60
N ASP A 270 -0.34 -21.67 -31.49
CA ASP A 270 0.11 -20.88 -30.36
C ASP A 270 1.35 -20.08 -30.71
N ARG A 271 1.41 -18.86 -30.19
CA ARG A 271 2.53 -17.96 -30.41
C ARG A 271 3.87 -18.55 -29.99
N LEU A 272 3.88 -19.33 -28.90
CA LEU A 272 5.10 -19.86 -28.34
C LEU A 272 5.22 -21.36 -28.55
N GLY A 273 4.15 -22.04 -28.88
CA GLY A 273 4.16 -23.48 -28.95
C GLY A 273 4.35 -23.99 -30.36
N CYS A 274 4.60 -25.29 -30.44
CA CYS A 274 4.88 -25.96 -31.71
C CYS A 274 4.08 -27.25 -31.85
N PHE A 275 2.97 -27.39 -31.15
CA PHE A 275 2.08 -28.54 -31.31
C PHE A 275 0.96 -28.19 -32.28
N ASN A 276 0.11 -29.19 -32.54
CA ASN A 276 -0.95 -29.03 -33.55
C ASN A 276 -2.27 -29.62 -33.07
N LEU A 277 -2.59 -29.49 -31.77
CA LEU A 277 -3.88 -29.94 -31.24
C LEU A 277 -4.98 -28.94 -31.59
N THR A 278 -6.20 -29.47 -31.76
CA THR A 278 -7.37 -28.62 -31.78
C THR A 278 -7.91 -28.45 -30.36
N VAL A 279 -8.92 -27.58 -30.22
CA VAL A 279 -9.62 -27.44 -28.94
C VAL A 279 -10.30 -28.75 -28.56
N LYS A 280 -10.86 -29.45 -29.54
CA LYS A 280 -11.45 -30.76 -29.25
C LYS A 280 -10.40 -31.77 -28.80
N GLY A 281 -9.21 -31.76 -29.40
CA GLY A 281 -8.19 -32.72 -28.97
C GLY A 281 -7.64 -32.40 -27.60
N HIS A 282 -7.48 -31.11 -27.30
CA HIS A 282 -7.07 -30.70 -25.96
C HIS A 282 -8.14 -31.09 -24.95
N ALA A 283 -9.39 -30.77 -25.24
CA ALA A 283 -10.45 -31.02 -24.28
C ALA A 283 -10.75 -32.49 -24.09
N LYS A 284 -10.39 -33.35 -25.04
CA LYS A 284 -10.50 -34.80 -24.80
C LYS A 284 -9.74 -35.20 -23.53
N CYS A 285 -8.67 -34.48 -23.20
CA CYS A 285 -7.94 -34.79 -21.98
C CYS A 285 -8.80 -34.52 -20.75
N VAL A 286 -9.56 -33.43 -20.75
CA VAL A 286 -10.46 -33.17 -19.63
C VAL A 286 -11.54 -34.25 -19.57
N GLU A 287 -12.14 -34.61 -20.70
CA GLU A 287 -13.12 -35.70 -20.71
C GLU A 287 -12.55 -36.97 -20.08
N VAL A 288 -11.32 -37.34 -20.47
CA VAL A 288 -10.73 -38.58 -19.95
C VAL A 288 -10.58 -38.51 -18.44
N VAL A 289 -10.07 -37.40 -17.92
CA VAL A 289 -9.80 -37.32 -16.49
C VAL A 289 -11.10 -37.27 -15.73
N LYS A 290 -12.08 -36.58 -16.30
CA LYS A 290 -13.36 -36.36 -15.65
C LYS A 290 -14.08 -37.68 -15.41
N THR A 291 -13.90 -38.66 -16.30
CA THR A 291 -14.63 -39.91 -16.18
C THR A 291 -14.22 -40.74 -14.96
N PHE A 292 -13.01 -40.54 -14.39
CA PHE A 292 -12.64 -41.29 -13.19
C PHE A 292 -13.40 -40.86 -11.95
N ASN A 293 -14.12 -39.74 -11.99
CA ASN A 293 -15.05 -39.39 -10.91
C ASN A 293 -14.33 -39.18 -9.57
N LEU A 294 -13.20 -38.51 -9.62
CA LEU A 294 -12.45 -38.09 -8.45
C LEU A 294 -12.54 -36.59 -8.30
N PRO A 295 -12.44 -36.08 -7.07
CA PRO A 295 -12.29 -34.63 -6.86
C PRO A 295 -11.23 -34.08 -7.78
N LEU A 296 -11.58 -33.03 -8.53
CA LEU A 296 -10.73 -32.56 -9.63
C LEU A 296 -10.63 -31.03 -9.62
N LEU A 297 -9.40 -30.52 -9.52
CA LEU A 297 -9.09 -29.11 -9.63
C LEU A 297 -8.55 -28.90 -11.04
N MET A 298 -9.26 -28.12 -11.87
CA MET A 298 -8.85 -27.78 -13.24
C MET A 298 -8.29 -26.37 -13.27
N LEU A 299 -7.08 -26.22 -13.79
CA LEU A 299 -6.36 -24.96 -13.79
C LEU A 299 -5.95 -24.56 -15.20
N GLY A 300 -5.68 -23.26 -15.35
CA GLY A 300 -5.12 -22.71 -16.59
C GLY A 300 -3.64 -22.98 -16.72
N GLY A 301 -2.91 -22.01 -17.24
CA GLY A 301 -1.48 -22.21 -17.48
C GLY A 301 -1.04 -21.36 -18.67
N GLY A 302 -0.19 -21.94 -19.51
CA GLY A 302 0.23 -21.22 -20.71
C GLY A 302 -0.92 -21.05 -21.69
N GLY A 303 -0.59 -20.37 -22.81
CA GLY A 303 -1.56 -20.10 -23.86
C GLY A 303 -1.34 -18.65 -24.29
N TYR A 304 -0.81 -18.48 -25.51
CA TYR A 304 -0.25 -17.21 -25.96
C TYR A 304 -0.81 -16.75 -27.29
N THR A 305 -1.77 -17.47 -27.89
CA THR A 305 -2.64 -16.95 -28.98
C THR A 305 -4.05 -16.78 -28.39
N ILE A 306 -4.36 -15.57 -27.92
CA ILE A 306 -5.34 -15.50 -26.84
C ILE A 306 -6.76 -15.80 -27.32
N ARG A 307 -7.11 -15.56 -28.60
CA ARG A 307 -8.42 -16.01 -29.07
C ARG A 307 -8.59 -17.53 -28.89
N ASN A 308 -7.50 -18.27 -29.10
CA ASN A 308 -7.65 -19.72 -28.99
C ASN A 308 -7.65 -20.19 -27.55
N VAL A 309 -6.99 -19.43 -26.67
CA VAL A 309 -7.05 -19.75 -25.24
C VAL A 309 -8.49 -19.60 -24.75
N ALA A 310 -9.13 -18.48 -25.12
CA ALA A 310 -10.51 -18.27 -24.69
C ALA A 310 -11.44 -19.36 -25.23
N ARG A 311 -11.26 -19.75 -26.50
CA ARG A 311 -12.01 -20.86 -27.04
C ARG A 311 -11.78 -22.12 -26.20
N CYS A 312 -10.51 -22.44 -25.93
CA CYS A 312 -10.17 -23.70 -25.31
C CYS A 312 -10.78 -23.82 -23.91
N TRP A 313 -10.58 -22.77 -23.09
CA TRP A 313 -11.03 -22.86 -21.71
C TRP A 313 -12.55 -22.67 -21.62
N THR A 314 -13.17 -21.97 -22.59
CA THR A 314 -14.64 -21.98 -22.64
C THR A 314 -15.14 -23.38 -22.93
N TYR A 315 -14.57 -24.04 -23.94
CA TYR A 315 -15.05 -25.38 -24.29
C TYR A 315 -14.76 -26.36 -23.15
N GLU A 316 -13.62 -26.22 -22.48
CA GLU A 316 -13.32 -27.16 -21.39
C GLU A 316 -14.20 -26.94 -20.17
N THR A 317 -14.67 -25.70 -19.95
CA THR A 317 -15.69 -25.45 -18.93
C THR A 317 -16.99 -26.15 -19.32
N ALA A 318 -17.40 -26.03 -20.58
CA ALA A 318 -18.59 -26.73 -21.07
C ALA A 318 -18.45 -28.23 -20.90
N VAL A 319 -17.27 -28.77 -21.20
CA VAL A 319 -17.03 -30.21 -21.02
C VAL A 319 -17.19 -30.60 -19.55
N ALA A 320 -16.59 -29.81 -18.66
CA ALA A 320 -16.74 -30.10 -17.24
C ALA A 320 -18.20 -30.12 -16.85
N LEU A 321 -19.03 -29.30 -17.49
CA LEU A 321 -20.44 -29.22 -17.17
C LEU A 321 -21.29 -30.23 -17.93
N ASP A 322 -20.71 -30.97 -18.85
CA ASP A 322 -21.47 -31.86 -19.75
C ASP A 322 -22.56 -31.07 -20.48
N CYS A 323 -22.20 -29.86 -20.90
CA CYS A 323 -23.05 -28.95 -21.65
C CYS A 323 -22.57 -28.85 -23.08
N GLU A 324 -23.43 -29.19 -24.05
CA GLU A 324 -23.08 -28.96 -25.44
C GLU A 324 -23.34 -27.49 -25.75
N ILE A 325 -22.38 -26.88 -26.44
CA ILE A 325 -22.54 -25.47 -26.82
C ILE A 325 -22.31 -25.39 -28.33
N PRO A 326 -22.96 -24.44 -29.02
CA PRO A 326 -22.83 -24.38 -30.49
C PRO A 326 -21.46 -23.92 -30.92
N ASN A 327 -21.10 -24.34 -32.13
CA ASN A 327 -19.85 -23.90 -32.71
C ASN A 327 -19.90 -22.42 -33.09
N GLU A 328 -21.07 -21.92 -33.44
CA GLU A 328 -21.18 -20.51 -33.79
C GLU A 328 -21.05 -19.69 -32.50
N LEU A 329 -20.05 -18.80 -32.46
CA LEU A 329 -19.80 -18.05 -31.24
C LEU A 329 -20.92 -17.05 -30.96
N PRO A 330 -21.35 -16.92 -29.71
CA PRO A 330 -22.30 -15.86 -29.37
C PRO A 330 -21.61 -14.50 -29.43
N TYR A 331 -22.37 -13.43 -29.68
CA TYR A 331 -21.78 -12.12 -29.53
C TYR A 331 -21.19 -11.97 -28.13
N ASN A 332 -20.12 -11.19 -28.03
CA ASN A 332 -19.43 -10.98 -26.76
C ASN A 332 -18.56 -9.74 -26.87
N ASP A 333 -17.99 -9.32 -25.72
CA ASP A 333 -17.23 -8.06 -25.67
C ASP A 333 -15.96 -8.09 -26.54
N TYR A 334 -15.51 -9.28 -26.94
CA TYR A 334 -14.26 -9.49 -27.67
C TYR A 334 -14.51 -10.16 -29.01
N PHE A 335 -15.72 -10.01 -29.55
CA PHE A 335 -16.13 -10.78 -30.71
C PHE A 335 -15.14 -10.64 -31.88
N GLU A 336 -14.57 -9.44 -32.09
CA GLU A 336 -13.66 -9.23 -33.22
C GLU A 336 -12.38 -10.05 -33.08
N TYR A 337 -12.03 -10.47 -31.87
CA TYR A 337 -10.82 -11.28 -31.74
C TYR A 337 -10.95 -12.65 -32.40
N PHE A 338 -12.17 -13.11 -32.63
CA PHE A 338 -12.43 -14.46 -33.11
C PHE A 338 -12.68 -14.55 -34.61
N GLY A 339 -12.50 -13.45 -35.35
CA GLY A 339 -12.55 -13.56 -36.78
C GLY A 339 -11.36 -14.35 -37.31
N PRO A 340 -11.38 -14.67 -38.60
CA PRO A 340 -12.41 -14.27 -39.56
C PRO A 340 -13.61 -15.19 -39.54
N ASP A 341 -13.54 -16.27 -38.76
CA ASP A 341 -14.55 -17.31 -38.79
C ASP A 341 -15.63 -17.19 -37.73
N PHE A 342 -15.29 -16.65 -36.56
CA PHE A 342 -16.22 -16.51 -35.44
C PHE A 342 -16.83 -17.84 -34.99
N LYS A 343 -16.02 -18.90 -35.08
CA LYS A 343 -16.42 -20.21 -34.59
C LYS A 343 -15.63 -20.57 -33.34
N LEU A 344 -16.17 -21.50 -32.59
CA LEU A 344 -15.52 -21.93 -31.35
C LEU A 344 -14.34 -22.86 -31.62
N HIS A 345 -14.53 -23.81 -32.53
CA HIS A 345 -13.50 -24.83 -32.78
C HIS A 345 -12.52 -24.37 -33.84
N ILE A 346 -11.31 -24.94 -33.77
CA ILE A 346 -10.21 -24.51 -34.60
C ILE A 346 -9.77 -25.68 -35.47
N SER A 347 -9.11 -25.34 -36.55
CA SER A 347 -8.55 -26.32 -37.48
C SER A 347 -7.06 -26.48 -37.19
N PRO A 348 -6.54 -27.69 -37.32
CA PRO A 348 -5.10 -27.88 -37.25
C PRO A 348 -4.45 -27.31 -38.50
N SER A 349 -3.17 -27.04 -38.37
CA SER A 349 -2.33 -26.64 -39.49
C SER A 349 -1.82 -27.85 -40.26
N ASN A 350 -1.13 -27.57 -41.36
CA ASN A 350 -0.46 -28.60 -42.14
C ASN A 350 0.97 -28.85 -41.68
N MET A 351 1.33 -28.47 -40.46
CA MET A 351 2.70 -28.72 -40.02
C MET A 351 2.94 -30.21 -39.89
N THR A 352 4.19 -30.63 -40.10
CA THR A 352 4.51 -32.04 -40.01
C THR A 352 4.50 -32.47 -38.55
N ASN A 353 3.92 -33.65 -38.30
CA ASN A 353 3.98 -34.29 -36.99
C ASN A 353 5.27 -35.10 -36.92
N GLN A 354 6.24 -34.60 -36.15
CA GLN A 354 7.53 -35.25 -35.95
CA GLN A 354 7.51 -35.29 -36.00
C GLN A 354 7.44 -36.45 -35.00
N ASN A 355 6.32 -36.62 -34.33
CA ASN A 355 6.08 -37.75 -33.42
C ASN A 355 5.52 -38.92 -34.22
N THR A 356 6.39 -39.82 -34.66
CA THR A 356 5.86 -40.90 -35.44
C THR A 356 5.02 -41.80 -34.58
N PRO A 357 4.10 -42.57 -35.16
CA PRO A 357 3.33 -43.51 -34.35
C PRO A 357 4.20 -44.50 -33.63
N GLU A 358 5.34 -44.88 -34.21
CA GLU A 358 6.24 -45.79 -33.51
C GLU A 358 6.89 -45.13 -32.30
N TYR A 359 7.32 -43.87 -32.46
CA TYR A 359 7.89 -43.12 -31.33
C TYR A 359 6.87 -43.05 -30.19
N MET A 360 5.61 -42.75 -30.54
CA MET A 360 4.61 -42.61 -29.49
C MET A 360 4.40 -43.91 -28.75
N GLU A 361 4.31 -45.03 -29.47
CA GLU A 361 4.11 -46.32 -28.83
C GLU A 361 5.32 -46.72 -28.00
N LYS A 362 6.53 -46.40 -28.48
CA LYS A 362 7.72 -46.81 -27.75
C LYS A 362 7.85 -46.07 -26.42
N ILE A 363 7.60 -44.74 -26.44
CA ILE A 363 7.65 -43.98 -25.18
C ILE A 363 6.58 -44.50 -24.22
N LYS A 364 5.38 -44.75 -24.73
CA LYS A 364 4.31 -45.29 -23.89
C LYS A 364 4.72 -46.60 -23.26
N GLN A 365 5.35 -47.48 -24.06
CA GLN A 365 5.79 -48.77 -23.55
C GLN A 365 6.83 -48.60 -22.43
N ARG A 366 7.77 -47.68 -22.60
CA ARG A 366 8.76 -47.42 -21.55
C ARG A 366 8.09 -46.88 -20.29
N LEU A 367 7.09 -45.99 -20.42
CA LEU A 367 6.46 -45.49 -19.21
C LEU A 367 5.64 -46.56 -18.51
N PHE A 368 5.00 -47.45 -19.30
CA PHE A 368 4.27 -48.57 -18.72
C PHE A 368 5.20 -49.46 -17.90
N GLU A 369 6.45 -49.65 -18.35
CA GLU A 369 7.43 -50.41 -17.55
C GLU A 369 7.66 -49.75 -16.21
N ASN A 370 7.76 -48.42 -16.19
CA ASN A 370 7.99 -47.74 -14.92
C ASN A 370 6.76 -47.83 -14.05
N LEU A 371 5.56 -47.78 -14.65
CA LEU A 371 4.36 -47.85 -13.82
C LEU A 371 4.16 -49.24 -13.21
N ARG A 372 4.77 -50.28 -13.80
CA ARG A 372 4.71 -51.61 -13.19
C ARG A 372 5.46 -51.68 -11.88
N MET A 373 6.35 -50.71 -11.60
CA MET A 373 7.16 -50.68 -10.38
C MET A 373 6.45 -50.06 -9.17
N LEU A 374 5.22 -49.58 -9.32
CA LEU A 374 4.43 -49.15 -8.17
C LEU A 374 3.96 -50.38 -7.38
N PRO A 375 3.76 -50.24 -6.05
CA PRO A 375 3.37 -51.40 -5.23
C PRO A 375 1.98 -51.97 -5.54
N LYS B 9 -19.29 10.09 -9.07
CA LYS B 9 -20.06 9.17 -8.24
C LYS B 9 -19.11 8.41 -7.32
N LYS B 10 -19.59 8.02 -6.15
CA LYS B 10 -18.75 7.40 -5.14
C LYS B 10 -18.77 5.89 -5.32
N LYS B 11 -17.59 5.28 -5.37
CA LYS B 11 -17.44 3.84 -5.56
C LYS B 11 -17.54 3.15 -4.20
N VAL B 12 -18.23 2.00 -4.16
CA VAL B 12 -18.42 1.21 -2.94
C VAL B 12 -17.86 -0.19 -3.15
N CYS B 13 -16.99 -0.61 -2.24
CA CYS B 13 -16.55 -1.99 -2.21
C CYS B 13 -17.00 -2.60 -0.89
N TYR B 14 -17.30 -3.89 -0.95
CA TYR B 14 -18.06 -4.53 0.12
C TYR B 14 -17.47 -5.91 0.33
N TYR B 15 -17.21 -6.27 1.58
CA TYR B 15 -16.52 -7.52 1.90
C TYR B 15 -17.45 -8.50 2.56
N TYR B 16 -17.44 -9.74 2.08
CA TYR B 16 -18.28 -10.80 2.63
C TYR B 16 -17.69 -12.15 2.29
N ASP B 17 -17.58 -13.02 3.30
CA ASP B 17 -17.22 -14.41 3.07
C ASP B 17 -18.45 -15.27 3.30
N GLY B 18 -18.79 -16.14 2.34
CA GLY B 18 -19.99 -16.95 2.45
C GLY B 18 -20.02 -17.93 3.61
N ASP B 19 -18.90 -18.16 4.29
CA ASP B 19 -18.94 -18.99 5.46
C ASP B 19 -19.20 -18.23 6.75
N ILE B 20 -19.23 -16.88 6.70
CA ILE B 20 -19.29 -16.12 7.95
C ILE B 20 -20.53 -16.45 8.76
N GLY B 21 -21.66 -16.78 8.12
CA GLY B 21 -22.87 -17.05 8.87
C GLY B 21 -22.90 -18.43 9.50
N ASN B 22 -21.89 -19.25 9.23
CA ASN B 22 -21.85 -20.59 9.82
C ASN B 22 -21.13 -20.66 11.16
N TYR B 23 -20.45 -19.59 11.58
CA TYR B 23 -19.78 -19.55 12.87
C TYR B 23 -20.85 -19.30 13.92
N TYR B 24 -20.85 -20.13 14.96
CA TYR B 24 -21.96 -20.17 15.90
C TYR B 24 -21.41 -20.02 17.31
N TYR B 25 -21.86 -18.95 17.99
CA TYR B 25 -21.36 -18.70 19.34
C TYR B 25 -21.91 -19.66 20.39
N GLY B 26 -22.95 -20.40 20.09
CA GLY B 26 -23.47 -21.34 21.07
C GLY B 26 -24.94 -21.12 21.36
N GLN B 27 -25.61 -22.15 21.85
CA GLN B 27 -27.04 -22.04 22.12
C GLN B 27 -27.32 -20.91 23.11
N GLY B 28 -28.29 -20.08 22.77
CA GLY B 28 -28.68 -18.95 23.59
C GLY B 28 -27.82 -17.71 23.51
N HIS B 29 -26.66 -17.75 22.84
CA HIS B 29 -25.78 -16.60 22.82
C HIS B 29 -26.36 -15.53 21.90
N PRO B 30 -26.47 -14.27 22.34
CA PRO B 30 -27.14 -13.26 21.49
C PRO B 30 -26.40 -12.96 20.21
N MET B 31 -25.09 -13.18 20.15
CA MET B 31 -24.32 -12.79 18.97
C MET B 31 -24.46 -13.86 17.89
N LYS B 32 -24.97 -13.47 16.72
CA LYS B 32 -25.39 -14.45 15.71
C LYS B 32 -24.80 -14.04 14.37
N PRO B 33 -23.64 -14.58 14.00
CA PRO B 33 -23.06 -14.20 12.69
C PRO B 33 -23.99 -14.48 11.53
N HIS B 34 -24.98 -15.37 11.69
CA HIS B 34 -26.02 -15.57 10.66
C HIS B 34 -26.67 -14.26 10.22
N ARG B 35 -26.74 -13.26 11.10
CA ARG B 35 -27.33 -11.98 10.73
C ARG B 35 -26.58 -11.33 9.56
N ILE B 36 -25.28 -11.62 9.42
CA ILE B 36 -24.51 -11.05 8.31
C ILE B 36 -24.91 -11.73 6.99
N ARG B 37 -25.14 -13.04 7.04
CA ARG B 37 -25.66 -13.77 5.89
C ARG B 37 -27.06 -13.27 5.54
N MET B 38 -27.91 -13.02 6.55
CA MET B 38 -29.25 -12.46 6.25
C MET B 38 -29.15 -11.12 5.55
N THR B 39 -28.23 -10.26 6.02
CA THR B 39 -27.99 -8.97 5.39
C THR B 39 -27.59 -9.15 3.93
N HIS B 40 -26.55 -9.99 3.71
CA HIS B 40 -26.08 -10.24 2.36
C HIS B 40 -27.20 -10.73 1.47
N ASN B 41 -27.99 -11.70 1.95
CA ASN B 41 -29.01 -12.26 1.05
C ASN B 41 -30.10 -11.23 0.74
N LEU B 42 -30.44 -10.38 1.72
CA LEU B 42 -31.42 -9.34 1.43
C LEU B 42 -30.87 -8.34 0.41
N LEU B 43 -29.62 -7.90 0.58
CA LEU B 43 -29.19 -6.92 -0.38
C LEU B 43 -28.96 -7.54 -1.77
N LEU B 44 -28.61 -8.83 -1.87
CA LEU B 44 -28.59 -9.48 -3.18
C LEU B 44 -29.97 -9.45 -3.82
N ASN B 45 -31.00 -9.79 -3.05
CA ASN B 45 -32.34 -9.86 -3.61
C ASN B 45 -32.93 -8.48 -3.91
N TYR B 46 -32.43 -7.40 -3.29
CA TYR B 46 -32.75 -6.05 -3.76
C TYR B 46 -32.00 -5.65 -5.03
N GLY B 47 -31.04 -6.46 -5.46
CA GLY B 47 -30.25 -6.15 -6.65
C GLY B 47 -29.08 -5.23 -6.41
N LEU B 48 -28.71 -4.96 -5.16
CA LEU B 48 -27.67 -3.95 -4.94
C LEU B 48 -26.28 -4.44 -5.34
N TYR B 49 -26.10 -5.74 -5.56
CA TYR B 49 -24.82 -6.24 -6.07
C TYR B 49 -24.48 -5.66 -7.42
N ARG B 50 -25.50 -5.22 -8.18
CA ARG B 50 -25.22 -4.63 -9.48
C ARG B 50 -24.44 -3.34 -9.39
N LYS B 51 -24.45 -2.67 -8.23
CA LYS B 51 -23.89 -1.35 -8.08
C LYS B 51 -22.60 -1.31 -7.26
N MET B 52 -22.11 -2.45 -6.77
CA MET B 52 -20.92 -2.37 -5.94
C MET B 52 -20.02 -3.54 -6.24
N GLU B 53 -18.75 -3.36 -5.88
CA GLU B 53 -17.81 -4.46 -6.00
C GLU B 53 -17.88 -5.26 -4.73
N ILE B 54 -18.05 -6.55 -4.89
CA ILE B 54 -18.14 -7.49 -3.77
C ILE B 54 -16.88 -8.34 -3.75
N TYR B 55 -16.21 -8.35 -2.62
CA TYR B 55 -14.96 -9.08 -2.46
C TYR B 55 -15.08 -10.06 -1.31
N ARG B 56 -14.38 -11.17 -1.41
CA ARG B 56 -14.19 -12.05 -0.29
C ARG B 56 -12.97 -11.56 0.51
N PRO B 57 -13.07 -11.39 1.83
CA PRO B 57 -11.88 -11.06 2.64
C PRO B 57 -10.88 -12.21 2.65
N HIS B 58 -9.63 -11.84 2.82
CA HIS B 58 -8.65 -12.82 3.20
C HIS B 58 -8.79 -13.17 4.67
N LYS B 59 -8.18 -14.27 5.09
CA LYS B 59 -8.01 -14.55 6.52
C LYS B 59 -6.84 -13.73 7.03
N ALA B 60 -7.12 -12.72 7.85
CA ALA B 60 -6.05 -11.92 8.41
C ALA B 60 -5.08 -12.81 9.17
N THR B 61 -3.79 -12.54 9.00
CA THR B 61 -2.80 -13.40 9.63
C THR B 61 -2.54 -12.98 11.09
N ALA B 62 -1.86 -13.87 11.81
CA ALA B 62 -1.43 -13.51 13.16
C ALA B 62 -0.54 -12.27 13.14
N GLU B 63 0.30 -12.14 12.13
CA GLU B 63 1.16 -10.96 11.98
C GLU B 63 0.35 -9.68 11.78
N GLU B 64 -0.75 -9.77 11.04
CA GLU B 64 -1.63 -8.61 10.90
C GLU B 64 -2.27 -8.28 12.23
N MET B 65 -2.70 -9.31 12.98
CA MET B 65 -3.40 -9.04 14.26
C MET B 65 -2.46 -8.48 15.32
N THR B 66 -1.17 -8.85 15.27
CA THR B 66 -0.28 -8.35 16.31
C THR B 66 0.27 -6.96 16.00
N LYS B 67 -0.19 -6.30 14.93
CA LYS B 67 0.04 -4.87 14.80
C LYS B 67 -0.59 -4.10 15.95
N TYR B 68 -1.58 -4.70 16.61
CA TYR B 68 -2.15 -4.14 17.85
C TYR B 68 -2.11 -5.14 19.01
N HIS B 69 -2.66 -6.33 18.83
CA HIS B 69 -2.85 -7.28 19.92
C HIS B 69 -1.50 -7.88 20.32
N SER B 70 -1.45 -8.32 21.58
CA SER B 70 -0.23 -8.98 22.05
C SER B 70 -0.08 -10.35 21.40
N ASP B 71 1.18 -10.74 21.21
CA ASP B 71 1.51 -12.04 20.62
C ASP B 71 0.95 -13.17 21.46
N GLU B 72 1.03 -13.05 22.78
CA GLU B 72 0.50 -14.07 23.67
C GLU B 72 -1.01 -14.29 23.45
N TYR B 73 -1.76 -13.20 23.36
CA TYR B 73 -3.21 -13.33 23.20
C TYR B 73 -3.58 -13.92 21.84
N ILE B 74 -2.92 -13.47 20.77
CA ILE B 74 -3.23 -14.03 19.46
C ILE B 74 -2.84 -15.50 19.38
N LYS B 75 -1.68 -15.90 19.95
CA LYS B 75 -1.34 -17.32 19.97
C LYS B 75 -2.41 -18.13 20.71
N PHE B 76 -2.93 -17.58 21.81
CA PHE B 76 -4.00 -18.23 22.52
C PHE B 76 -5.25 -18.41 21.64
N LEU B 77 -5.67 -17.34 20.95
CA LEU B 77 -6.85 -17.46 20.12
C LEU B 77 -6.68 -18.51 19.03
N ARG B 78 -5.45 -18.62 18.47
CA ARG B 78 -5.13 -19.59 17.41
C ARG B 78 -5.10 -21.02 17.93
N SER B 79 -5.03 -21.20 19.24
CA SER B 79 -4.86 -22.52 19.84
C SER B 79 -6.13 -23.08 20.46
N ILE B 80 -6.98 -22.23 21.00
CA ILE B 80 -8.07 -22.68 21.88
C ILE B 80 -9.21 -23.27 21.06
N ARG B 81 -9.72 -24.41 21.51
CA ARG B 81 -10.78 -25.14 20.83
C ARG B 81 -11.67 -25.75 21.90
N PRO B 82 -12.92 -26.07 21.57
CA PRO B 82 -13.76 -26.73 22.58
C PRO B 82 -13.15 -28.02 23.13
N ASP B 83 -12.40 -28.76 22.31
CA ASP B 83 -11.84 -30.05 22.75
C ASP B 83 -10.57 -29.94 23.59
N ASN B 84 -9.96 -28.76 23.71
CA ASN B 84 -8.77 -28.63 24.56
C ASN B 84 -8.93 -27.55 25.63
N MET B 85 -10.16 -27.12 25.92
CA MET B 85 -10.38 -26.07 26.92
C MET B 85 -9.84 -26.43 28.30
N SER B 86 -9.89 -27.70 28.68
CA SER B 86 -9.42 -28.09 30.00
C SER B 86 -7.94 -27.78 30.18
N GLU B 87 -7.14 -27.97 29.13
CA GLU B 87 -5.72 -27.68 29.22
C GLU B 87 -5.43 -26.19 29.28
N TYR B 88 -6.40 -25.33 28.98
CA TYR B 88 -6.17 -23.90 28.82
C TYR B 88 -6.97 -23.06 29.82
N SER B 89 -7.38 -23.64 30.96
CA SER B 89 -8.29 -22.93 31.86
C SER B 89 -7.70 -21.63 32.40
N LYS B 90 -6.40 -21.62 32.71
CA LYS B 90 -5.82 -20.38 33.24
C LYS B 90 -5.72 -19.31 32.16
N GLN B 91 -5.31 -19.70 30.95
CA GLN B 91 -5.27 -18.75 29.85
C GLN B 91 -6.66 -18.25 29.50
N MET B 92 -7.67 -19.12 29.54
CA MET B 92 -9.03 -18.63 29.30
C MET B 92 -9.39 -17.52 30.28
N GLN B 93 -9.00 -17.70 31.55
CA GLN B 93 -9.23 -16.70 32.55
C GLN B 93 -8.51 -15.40 32.23
N ARG B 94 -7.21 -15.51 31.90
CA ARG B 94 -6.36 -14.35 31.64
C ARG B 94 -6.89 -13.53 30.47
N PHE B 95 -7.37 -14.21 29.46
CA PHE B 95 -7.75 -13.54 28.22
C PHE B 95 -9.26 -13.29 28.11
N ASN B 96 -9.99 -13.65 29.16
CA ASN B 96 -11.44 -13.41 29.28
C ASN B 96 -12.21 -14.12 28.19
N VAL B 97 -11.81 -15.36 27.89
CA VAL B 97 -12.51 -16.19 26.91
C VAL B 97 -13.16 -17.35 27.63
N GLY B 98 -14.42 -17.64 27.28
CA GLY B 98 -15.08 -18.84 27.78
C GLY B 98 -16.46 -18.63 28.35
N GLU B 99 -16.83 -17.36 28.58
CA GLU B 99 -18.13 -17.04 29.17
C GLU B 99 -18.91 -16.18 28.18
N ASP B 100 -18.98 -14.87 28.41
CA ASP B 100 -19.62 -13.96 27.45
C ASP B 100 -18.92 -13.98 26.09
N CYS B 101 -17.63 -14.28 26.05
CA CYS B 101 -16.89 -14.46 24.81
C CYS B 101 -16.54 -15.95 24.78
N PRO B 102 -17.43 -16.80 24.30
CA PRO B 102 -17.25 -18.25 24.44
C PRO B 102 -16.19 -18.80 23.52
N VAL B 103 -15.75 -20.03 23.84
CA VAL B 103 -14.99 -20.83 22.89
C VAL B 103 -15.97 -21.52 21.97
N PHE B 104 -15.75 -21.40 20.67
CA PHE B 104 -16.58 -22.12 19.71
C PHE B 104 -15.71 -22.61 18.56
N ASP B 105 -16.25 -23.59 17.83
CA ASP B 105 -15.53 -24.16 16.68
C ASP B 105 -15.27 -23.09 15.64
N GLY B 106 -14.02 -22.96 15.18
CA GLY B 106 -13.71 -21.98 14.17
C GLY B 106 -13.58 -20.55 14.68
N LEU B 107 -13.52 -20.37 16.00
CA LEU B 107 -13.36 -19.03 16.57
C LEU B 107 -12.27 -18.22 15.87
N PHE B 108 -11.07 -18.81 15.71
CA PHE B 108 -9.99 -18.01 15.16
C PHE B 108 -10.28 -17.64 13.70
N GLU B 109 -10.80 -18.60 12.91
CA GLU B 109 -11.16 -18.30 11.51
C GLU B 109 -12.17 -17.17 11.43
N PHE B 110 -13.19 -17.20 12.30
CA PHE B 110 -14.16 -16.12 12.35
C PHE B 110 -13.47 -14.77 12.57
N CYS B 111 -12.57 -14.71 13.56
CA CYS B 111 -11.81 -13.48 13.76
C CYS B 111 -10.99 -13.10 12.53
N GLN B 112 -10.37 -14.09 11.88
CA GLN B 112 -9.56 -13.79 10.69
C GLN B 112 -10.39 -13.16 9.56
N LEU B 113 -11.62 -13.63 9.37
CA LEU B 113 -12.46 -13.13 8.29
C LEU B 113 -13.08 -11.79 8.66
N SER B 114 -13.53 -11.65 9.92
CA SER B 114 -14.00 -10.35 10.39
C SER B 114 -12.91 -9.30 10.20
N THR B 115 -11.70 -9.61 10.67
CA THR B 115 -10.62 -8.65 10.58
C THR B 115 -10.16 -8.43 9.14
N GLY B 116 -10.09 -9.51 8.36
CA GLY B 116 -9.61 -9.40 7.00
C GLY B 116 -10.43 -8.41 6.19
N GLY B 117 -11.74 -8.41 6.39
CA GLY B 117 -12.55 -7.46 5.64
C GLY B 117 -12.24 -6.02 6.01
N SER B 118 -11.98 -5.74 7.29
CA SER B 118 -11.74 -4.37 7.70
C SER B 118 -10.39 -3.86 7.22
N VAL B 119 -9.36 -4.68 7.37
CA VAL B 119 -8.02 -4.29 6.93
CA VAL B 119 -8.08 -4.17 6.94
C VAL B 119 -7.97 -4.17 5.41
N ALA B 120 -8.59 -5.12 4.72
CA ALA B 120 -8.63 -5.04 3.25
C ALA B 120 -9.35 -3.77 2.79
N GLY B 121 -10.47 -3.43 3.43
CA GLY B 121 -11.15 -2.19 3.09
C GLY B 121 -10.27 -0.98 3.29
N ALA B 122 -9.53 -0.94 4.40
CA ALA B 122 -8.67 0.21 4.68
C ALA B 122 -7.58 0.32 3.62
N VAL B 123 -7.01 -0.82 3.22
CA VAL B 123 -5.99 -0.81 2.16
C VAL B 123 -6.58 -0.22 0.89
N LYS B 124 -7.79 -0.66 0.51
CA LYS B 124 -8.42 -0.12 -0.71
C LYS B 124 -8.65 1.38 -0.62
N LEU B 125 -9.06 1.87 0.54
CA LEU B 125 -9.20 3.31 0.72
C LEU B 125 -7.85 4.00 0.60
N ASN B 126 -6.81 3.46 1.24
CA ASN B 126 -5.49 4.09 1.21
C ASN B 126 -4.98 4.22 -0.21
N ARG B 127 -5.23 3.21 -1.00
CA ARG B 127 -4.80 3.17 -2.40
C ARG B 127 -5.71 3.95 -3.33
N GLN B 128 -6.71 4.63 -2.75
CA GLN B 128 -7.66 5.44 -3.51
C GLN B 128 -8.33 4.64 -4.60
N GLN B 129 -8.55 3.35 -4.35
CA GLN B 129 -9.29 2.49 -5.27
C GLN B 129 -10.77 2.42 -4.97
N THR B 130 -11.21 3.00 -3.85
CA THR B 130 -12.63 3.08 -3.56
C THR B 130 -12.84 4.33 -2.72
N ASP B 131 -14.09 4.82 -2.69
CA ASP B 131 -14.46 5.92 -1.82
C ASP B 131 -15.02 5.44 -0.50
N MET B 132 -15.73 4.32 -0.55
CA MET B 132 -16.32 3.68 0.63
C MET B 132 -15.99 2.21 0.60
N ALA B 133 -15.72 1.64 1.78
CA ALA B 133 -15.55 0.21 1.93
C ALA B 133 -16.47 -0.22 3.04
N VAL B 134 -17.09 -1.39 2.88
CA VAL B 134 -18.09 -1.86 3.84
C VAL B 134 -17.69 -3.25 4.31
N ASN B 135 -17.71 -3.48 5.63
CA ASN B 135 -17.51 -4.83 6.16
C ASN B 135 -18.47 -5.05 7.33
N TRP B 136 -19.62 -5.65 7.02
CA TRP B 136 -20.61 -5.83 8.09
C TRP B 136 -20.18 -6.88 9.11
N ALA B 137 -19.19 -7.72 8.80
CA ALA B 137 -18.68 -8.67 9.76
C ALA B 137 -17.68 -8.06 10.72
N GLY B 138 -17.30 -6.80 10.50
CA GLY B 138 -16.36 -6.11 11.38
C GLY B 138 -17.07 -5.23 12.37
N GLY B 139 -16.32 -4.28 12.94
CA GLY B 139 -16.89 -3.39 13.93
C GLY B 139 -16.89 -3.92 15.34
N LEU B 140 -15.97 -4.82 15.67
CA LEU B 140 -15.99 -5.55 16.97
C LEU B 140 -15.21 -4.72 17.98
N HIS B 141 -15.88 -3.66 18.45
CA HIS B 141 -15.26 -2.49 19.07
C HIS B 141 -14.82 -2.69 20.52
N HIS B 142 -15.22 -3.79 21.16
CA HIS B 142 -14.86 -3.97 22.57
C HIS B 142 -13.56 -4.71 22.78
N ALA B 143 -13.01 -5.37 21.75
CA ALA B 143 -11.83 -6.19 22.01
C ALA B 143 -10.65 -5.33 22.42
N LYS B 144 -9.85 -5.88 23.36
CA LYS B 144 -8.75 -5.13 23.94
C LYS B 144 -7.42 -5.72 23.48
N LYS B 145 -6.34 -5.01 23.82
CA LYS B 145 -5.03 -5.45 23.36
C LYS B 145 -4.77 -6.91 23.68
N SER B 146 -5.05 -7.34 24.92
CA SER B 146 -4.78 -8.73 25.28
C SER B 146 -5.97 -9.37 25.98
N GLU B 147 -7.20 -9.00 25.61
CA GLU B 147 -8.36 -9.58 26.26
C GLU B 147 -9.56 -9.48 25.33
N ALA B 148 -10.38 -10.52 25.29
CA ALA B 148 -11.69 -10.45 24.66
C ALA B 148 -12.66 -9.71 25.56
N SER B 149 -13.68 -9.12 24.94
CA SER B 149 -14.70 -8.47 25.75
C SER B 149 -15.93 -8.22 24.90
N GLY B 150 -17.13 -8.35 25.49
CA GLY B 150 -18.31 -7.83 24.77
C GLY B 150 -18.59 -8.54 23.46
N PHE B 151 -18.34 -9.84 23.40
CA PHE B 151 -18.52 -10.72 22.26
C PHE B 151 -17.47 -10.48 21.19
N CYS B 152 -16.45 -9.68 21.48
CA CYS B 152 -15.43 -9.28 20.49
C CYS B 152 -14.11 -9.87 20.92
N TYR B 153 -13.35 -10.44 19.97
CA TYR B 153 -12.05 -11.03 20.28
C TYR B 153 -10.89 -10.29 19.67
N VAL B 154 -10.98 -9.93 18.40
CA VAL B 154 -9.94 -9.21 17.68
C VAL B 154 -10.54 -7.87 17.27
N ASN B 155 -9.85 -6.80 17.61
CA ASN B 155 -10.39 -5.47 17.35
C ASN B 155 -10.05 -5.05 15.92
N ASP B 156 -10.92 -5.48 15.00
CA ASP B 156 -10.69 -5.21 13.58
C ASP B 156 -10.70 -3.71 13.30
N ILE B 157 -11.39 -2.93 14.13
CA ILE B 157 -11.45 -1.48 13.94
C ILE B 157 -10.08 -0.86 14.19
N VAL B 158 -9.46 -1.22 15.33
CA VAL B 158 -8.15 -0.68 15.66
C VAL B 158 -7.16 -1.03 14.58
N LEU B 159 -7.22 -2.27 14.10
CA LEU B 159 -6.29 -2.71 13.04
C LEU B 159 -6.54 -1.93 11.75
N ALA B 160 -7.80 -1.72 11.38
CA ALA B 160 -8.07 -0.93 10.17
C ALA B 160 -7.59 0.50 10.33
N ILE B 161 -7.77 1.10 11.53
CA ILE B 161 -7.33 2.47 11.72
C ILE B 161 -5.81 2.55 11.65
N LEU B 162 -5.11 1.55 12.20
CA LEU B 162 -3.64 1.56 12.07
C LEU B 162 -3.24 1.54 10.60
N GLU B 163 -3.99 0.80 9.78
CA GLU B 163 -3.70 0.77 8.35
C GLU B 163 -3.96 2.14 7.73
N LEU B 164 -5.10 2.77 8.06
CA LEU B 164 -5.36 4.11 7.53
C LEU B 164 -4.26 5.10 7.96
N LEU B 165 -3.74 4.94 9.18
CA LEU B 165 -2.78 5.90 9.70
C LEU B 165 -1.47 5.86 8.93
N LYS B 166 -1.26 4.85 8.10
CA LYS B 166 -0.06 4.86 7.24
C LYS B 166 -0.11 6.01 6.25
N TYR B 167 -1.30 6.36 5.78
CA TYR B 167 -1.49 7.37 4.75
C TYR B 167 -2.20 8.63 5.23
N HIS B 168 -2.88 8.58 6.39
CA HIS B 168 -3.74 9.65 6.87
C HIS B 168 -3.21 10.23 8.15
N GLN B 169 -2.92 11.54 8.18
CA GLN B 169 -2.41 12.14 9.40
C GLN B 169 -3.43 12.06 10.54
N ARG B 170 -4.71 12.30 10.21
CA ARG B 170 -5.80 12.36 11.19
C ARG B 170 -6.94 11.47 10.69
N VAL B 171 -7.36 10.53 11.54
CA VAL B 171 -8.48 9.63 11.25
C VAL B 171 -9.57 9.84 12.28
N LEU B 172 -10.81 9.94 11.82
CA LEU B 172 -11.95 10.09 12.72
C LEU B 172 -12.68 8.76 12.84
N TYR B 173 -12.96 8.37 14.07
CA TYR B 173 -13.77 7.17 14.35
C TYR B 173 -15.08 7.60 14.99
N ILE B 174 -16.20 7.05 14.47
CA ILE B 174 -17.53 7.39 14.98
C ILE B 174 -18.25 6.07 15.29
N ASP B 175 -18.86 5.98 16.48
CA ASP B 175 -19.42 4.71 16.97
C ASP B 175 -20.87 4.94 17.37
N ILE B 176 -21.82 4.42 16.60
CA ILE B 176 -23.25 4.58 16.89
C ILE B 176 -23.88 3.28 17.44
N ASP B 177 -23.08 2.27 17.75
CA ASP B 177 -23.50 1.17 18.61
C ASP B 177 -24.05 1.74 19.91
N ILE B 178 -25.07 1.07 20.49
CA ILE B 178 -25.59 1.60 21.77
C ILE B 178 -24.54 1.53 22.89
N HIS B 179 -23.52 0.68 22.76
CA HIS B 179 -22.48 0.56 23.77
C HIS B 179 -21.28 1.45 23.42
N HIS B 180 -20.64 1.95 24.48
CA HIS B 180 -19.42 2.74 24.30
C HIS B 180 -18.34 1.95 23.55
N GLY B 181 -17.68 2.64 22.60
CA GLY B 181 -16.60 2.03 21.84
C GLY B 181 -15.30 2.06 22.62
N ASP B 182 -15.26 1.28 23.69
CA ASP B 182 -14.17 1.40 24.65
C ASP B 182 -12.86 0.85 24.12
N GLY B 183 -12.89 -0.26 23.37
CA GLY B 183 -11.61 -0.81 22.89
C GLY B 183 -10.92 0.13 21.91
N VAL B 184 -11.70 0.81 21.06
CA VAL B 184 -11.10 1.75 20.11
C VAL B 184 -10.64 3.00 20.83
N GLU B 185 -11.47 3.52 21.76
CA GLU B 185 -11.07 4.71 22.49
C GLU B 185 -9.78 4.46 23.27
N GLU B 186 -9.68 3.30 23.92
CA GLU B 186 -8.49 2.96 24.71
C GLU B 186 -7.24 2.92 23.84
N ALA B 187 -7.35 2.27 22.69
CA ALA B 187 -6.19 2.15 21.79
C ALA B 187 -5.59 3.51 21.45
N PHE B 188 -6.44 4.53 21.27
CA PHE B 188 -6.01 5.81 20.73
C PHE B 188 -6.14 6.96 21.73
N TYR B 189 -6.28 6.63 23.00
CA TYR B 189 -6.64 7.63 23.99
C TYR B 189 -5.59 8.72 24.13
N THR B 190 -4.32 8.37 23.90
CA THR B 190 -3.22 9.32 24.13
C THR B 190 -2.59 9.85 22.84
N THR B 191 -3.30 9.75 21.71
CA THR B 191 -2.87 10.37 20.45
C THR B 191 -3.93 11.31 19.89
N ASP B 192 -3.45 12.37 19.23
CA ASP B 192 -4.29 13.28 18.44
C ASP B 192 -4.43 12.84 17.00
N ARG B 193 -3.83 11.71 16.63
CA ARG B 193 -3.95 11.25 15.25
C ARG B 193 -5.23 10.45 15.03
N VAL B 194 -5.92 10.08 16.10
CA VAL B 194 -7.25 9.48 15.95
C VAL B 194 -8.16 10.17 16.95
N MET B 195 -9.24 10.74 16.46
CA MET B 195 -10.28 11.26 17.34
C MET B 195 -11.38 10.21 17.36
N THR B 196 -11.82 9.81 18.56
CA THR B 196 -12.86 8.79 18.70
C THR B 196 -14.12 9.48 19.22
N VAL B 197 -15.26 9.23 18.57
CA VAL B 197 -16.52 9.87 18.95
C VAL B 197 -17.54 8.75 19.15
N SER B 198 -18.01 8.59 20.40
CA SER B 198 -18.99 7.54 20.67
C SER B 198 -20.26 8.14 21.23
N PHE B 199 -21.40 7.72 20.68
CA PHE B 199 -22.73 7.97 21.23
C PHE B 199 -23.21 6.67 21.83
N HIS B 200 -23.73 6.68 23.06
CA HIS B 200 -24.01 5.39 23.71
C HIS B 200 -24.87 5.60 24.92
N LYS B 201 -25.58 4.54 25.33
CA LYS B 201 -26.20 4.58 26.65
C LYS B 201 -25.15 4.54 27.74
N TYR B 202 -25.36 5.38 28.76
CA TYR B 202 -24.41 5.47 29.83
C TYR B 202 -25.18 5.47 31.15
N GLY B 203 -24.68 4.67 32.08
CA GLY B 203 -25.25 4.55 33.42
C GLY B 203 -25.72 3.12 33.65
N GLU B 204 -25.00 2.40 34.47
CA GLU B 204 -25.36 1.03 34.81
C GLU B 204 -25.57 0.20 33.55
N TYR B 205 -24.58 0.27 32.67
CA TYR B 205 -24.71 -0.35 31.37
C TYR B 205 -23.34 -0.75 30.86
N PHE B 206 -23.29 -1.88 30.15
CA PHE B 206 -22.02 -2.33 29.62
C PHE B 206 -21.47 -1.30 28.64
N PRO B 207 -20.14 -1.06 28.61
CA PRO B 207 -19.09 -1.65 29.44
C PRO B 207 -18.79 -0.83 30.72
N GLY B 208 -19.45 0.31 30.86
CA GLY B 208 -19.34 1.16 32.05
C GLY B 208 -18.46 2.37 31.86
N THR B 209 -17.82 2.51 30.70
CA THR B 209 -16.98 3.64 30.36
C THR B 209 -17.74 4.59 29.42
N GLY B 210 -17.06 5.66 28.98
CA GLY B 210 -17.73 6.60 28.12
C GLY B 210 -18.43 7.74 28.83
N ASP B 211 -17.89 8.16 29.97
CA ASP B 211 -18.39 9.37 30.60
C ASP B 211 -18.07 10.58 29.71
N LEU B 212 -18.97 11.57 29.74
CA LEU B 212 -18.77 12.91 29.20
C LEU B 212 -17.37 13.46 29.46
N ARG B 213 -16.85 13.16 30.66
CA ARG B 213 -15.62 13.76 31.14
C ARG B 213 -14.39 12.97 30.73
N ASP B 214 -14.58 11.84 30.03
CA ASP B 214 -13.44 11.11 29.43
C ASP B 214 -13.13 11.77 28.08
N ILE B 215 -12.08 12.58 28.02
CA ILE B 215 -11.77 13.40 26.85
C ILE B 215 -10.42 13.07 26.22
N GLY B 216 -9.74 12.02 26.71
CA GLY B 216 -8.41 11.66 26.22
C GLY B 216 -7.35 12.16 27.20
N ALA B 217 -6.10 11.81 26.91
CA ALA B 217 -5.02 12.15 27.84
C ALA B 217 -3.75 12.47 27.06
N GLY B 218 -2.88 13.28 27.67
CA GLY B 218 -1.64 13.55 26.97
C GLY B 218 -1.87 14.31 25.69
N LYS B 219 -1.12 13.94 24.64
CA LYS B 219 -1.34 14.56 23.33
C LYS B 219 -2.75 14.29 22.83
N GLY B 220 -3.40 13.26 23.36
CA GLY B 220 -4.77 12.96 23.01
C GLY B 220 -5.83 13.71 23.81
N LYS B 221 -5.46 14.64 24.67
CA LYS B 221 -6.49 15.35 25.43
C LYS B 221 -7.33 16.17 24.46
N TYR B 222 -8.67 16.01 24.54
CA TYR B 222 -9.70 16.63 23.69
C TYR B 222 -9.90 15.84 22.40
N TYR B 223 -9.22 14.71 22.20
CA TYR B 223 -9.42 13.88 21.01
C TYR B 223 -10.22 12.61 21.31
N ALA B 224 -10.83 12.51 22.47
CA ALA B 224 -11.86 11.51 22.73
C ALA B 224 -13.15 12.25 23.05
N VAL B 225 -14.25 11.89 22.40
CA VAL B 225 -15.54 12.55 22.56
C VAL B 225 -16.57 11.48 22.92
N ASN B 226 -17.31 11.70 24.01
CA ASN B 226 -18.31 10.76 24.46
C ASN B 226 -19.61 11.50 24.67
N PHE B 227 -20.68 11.01 24.05
CA PHE B 227 -22.02 11.56 24.28
C PHE B 227 -22.88 10.51 25.02
N PRO B 228 -23.04 10.65 26.32
CA PRO B 228 -23.79 9.66 27.11
C PRO B 228 -25.28 9.95 27.00
N MET B 229 -26.04 8.89 26.71
CA MET B 229 -27.47 8.98 26.50
C MET B 229 -28.24 8.12 27.50
N ARG B 230 -29.51 8.46 27.65
CA ARG B 230 -30.44 7.67 28.44
C ARG B 230 -31.32 6.78 27.55
N ASP B 231 -32.09 5.92 28.19
CA ASP B 231 -33.03 5.05 27.46
C ASP B 231 -33.97 5.83 26.58
N GLY B 232 -34.39 5.21 25.47
CA GLY B 232 -35.53 5.71 24.70
C GLY B 232 -35.27 6.81 23.70
N ILE B 233 -34.00 7.11 23.37
CA ILE B 233 -33.75 8.17 22.41
C ILE B 233 -34.36 7.77 21.07
N ASP B 234 -34.94 8.75 20.38
CA ASP B 234 -35.67 8.51 19.13
C ASP B 234 -34.98 9.20 17.97
N ASP B 235 -35.50 8.99 16.76
CA ASP B 235 -34.87 9.50 15.54
C ASP B 235 -34.67 11.01 15.62
N GLU B 236 -35.71 11.74 16.05
CA GLU B 236 -35.61 13.20 16.01
C GLU B 236 -34.54 13.70 16.96
N SER B 237 -34.50 13.14 18.17
CA SER B 237 -33.54 13.59 19.17
C SER B 237 -32.12 13.22 18.79
N TYR B 238 -31.94 11.99 18.32
CA TYR B 238 -30.61 11.56 17.93
C TYR B 238 -30.08 12.42 16.79
N GLY B 239 -30.91 12.68 15.77
CA GLY B 239 -30.43 13.42 14.61
C GLY B 239 -30.10 14.84 14.96
N GLN B 240 -30.84 15.40 15.93
CA GLN B 240 -30.60 16.79 16.31
C GLN B 240 -29.29 16.97 17.06
N ILE B 241 -28.72 15.90 17.59
CA ILE B 241 -27.39 16.10 18.16
C ILE B 241 -26.29 15.50 17.30
N PHE B 242 -26.58 14.43 16.53
CA PHE B 242 -25.50 13.82 15.73
C PHE B 242 -24.96 14.80 14.69
N LYS B 243 -25.85 15.40 13.89
CA LYS B 243 -25.36 16.28 12.83
C LYS B 243 -24.56 17.46 13.37
N PRO B 244 -25.02 18.18 14.42
CA PRO B 244 -24.19 19.30 14.91
C PRO B 244 -22.86 18.83 15.48
N ILE B 245 -22.86 17.75 16.25
CA ILE B 245 -21.61 17.29 16.83
C ILE B 245 -20.64 16.86 15.75
N ILE B 246 -21.09 16.04 14.79
CA ILE B 246 -20.16 15.59 13.76
C ILE B 246 -19.72 16.76 12.89
N SER B 247 -20.61 17.72 12.64
CA SER B 247 -20.18 18.87 11.84
C SER B 247 -19.10 19.67 12.53
N LYS B 248 -19.21 19.87 13.86
CA LYS B 248 -18.19 20.58 14.62
C LYS B 248 -16.89 19.80 14.68
N VAL B 249 -16.99 18.48 14.88
CA VAL B 249 -15.81 17.63 14.83
C VAL B 249 -15.10 17.80 13.48
N MET B 250 -15.86 17.77 12.39
CA MET B 250 -15.25 17.87 11.07
C MET B 250 -14.56 19.22 10.88
N GLU B 251 -15.21 20.28 11.37
CA GLU B 251 -14.65 21.63 11.22
C GLU B 251 -13.37 21.78 12.03
N MET B 252 -13.35 21.28 13.26
CA MET B 252 -12.21 21.50 14.14
C MET B 252 -11.10 20.49 13.91
N TYR B 253 -11.46 19.23 13.64
CA TYR B 253 -10.45 18.19 13.54
C TYR B 253 -9.94 17.99 12.12
N GLN B 254 -10.75 18.24 11.09
CA GLN B 254 -10.36 18.10 9.68
C GLN B 254 -9.70 16.77 9.37
N PRO B 255 -10.35 15.65 9.68
CA PRO B 255 -9.77 14.34 9.37
C PRO B 255 -9.67 14.13 7.87
N SER B 256 -8.82 13.21 7.46
CA SER B 256 -8.78 12.88 6.05
C SER B 256 -9.35 11.50 5.75
N ALA B 257 -9.81 10.79 6.78
CA ALA B 257 -10.50 9.52 6.58
C ALA B 257 -11.37 9.29 7.79
N VAL B 258 -12.41 8.48 7.58
CA VAL B 258 -13.43 8.26 8.61
C VAL B 258 -13.74 6.78 8.70
N VAL B 259 -13.91 6.27 9.92
CA VAL B 259 -14.38 4.91 10.16
C VAL B 259 -15.66 5.03 10.97
N LEU B 260 -16.73 4.44 10.46
CA LEU B 260 -18.07 4.56 11.07
C LEU B 260 -18.52 3.15 11.48
N GLN B 261 -18.60 2.93 12.78
CA GLN B 261 -19.10 1.65 13.30
C GLN B 261 -20.61 1.81 13.43
N CYS B 262 -21.36 0.92 12.76
CA CYS B 262 -22.81 1.05 12.60
C CYS B 262 -23.55 0.00 13.42
N GLY B 263 -23.08 -0.26 14.64
CA GLY B 263 -23.78 -1.24 15.48
C GLY B 263 -25.26 -0.97 15.57
N ALA B 264 -26.06 -2.01 15.29
CA ALA B 264 -27.49 -1.89 15.12
C ALA B 264 -28.25 -2.17 16.39
N ASP B 265 -27.55 -2.33 17.51
CA ASP B 265 -28.25 -2.49 18.78
C ASP B 265 -28.77 -1.18 19.36
N SER B 266 -28.56 -0.04 18.68
CA SER B 266 -29.25 1.21 18.97
C SER B 266 -30.63 1.31 18.30
N LEU B 267 -31.10 0.26 17.60
CA LEU B 267 -32.45 0.25 17.06
C LEU B 267 -33.49 -0.10 18.09
N SER B 268 -34.66 0.51 17.91
CA SER B 268 -35.83 0.08 18.65
C SER B 268 -36.00 -1.43 18.61
N GLY B 269 -36.31 -2.01 19.78
CA GLY B 269 -36.60 -3.44 19.84
C GLY B 269 -35.40 -4.36 19.93
N ASP B 270 -34.19 -3.82 20.05
CA ASP B 270 -33.05 -4.70 20.15
C ASP B 270 -33.12 -5.54 21.41
N ARG B 271 -32.72 -6.80 21.30
CA ARG B 271 -32.73 -7.72 22.44
C ARG B 271 -31.92 -7.20 23.62
N LEU B 272 -30.80 -6.52 23.36
CA LEU B 272 -29.95 -6.03 24.45
C LEU B 272 -30.04 -4.54 24.66
N GLY B 273 -30.51 -3.78 23.66
CA GLY B 273 -30.52 -2.34 23.73
C GLY B 273 -31.76 -1.75 24.30
N CYS B 274 -31.69 -0.45 24.53
CA CYS B 274 -32.83 0.26 25.11
C CYS B 274 -33.05 1.61 24.45
N PHE B 275 -32.64 1.77 23.18
CA PHE B 275 -32.95 2.96 22.43
C PHE B 275 -34.20 2.73 21.57
N ASN B 276 -34.62 3.79 20.87
CA ASN B 276 -35.85 3.72 20.10
C ASN B 276 -35.66 4.30 18.71
N LEU B 277 -34.51 4.05 18.06
CA LEU B 277 -34.25 4.53 16.70
C LEU B 277 -34.93 3.60 15.70
N THR B 278 -35.33 4.17 14.58
CA THR B 278 -35.72 3.35 13.45
C THR B 278 -34.52 3.13 12.55
N VAL B 279 -34.72 2.32 11.49
CA VAL B 279 -33.66 2.15 10.49
C VAL B 279 -33.37 3.47 9.78
N LYS B 280 -34.39 4.28 9.51
CA LYS B 280 -34.12 5.60 8.93
C LYS B 280 -33.31 6.50 9.86
N GLY B 281 -33.62 6.47 11.16
CA GLY B 281 -32.88 7.34 12.08
C GLY B 281 -31.43 6.89 12.26
N HIS B 282 -31.19 5.58 12.28
CA HIS B 282 -29.83 5.07 12.33
C HIS B 282 -29.07 5.41 11.05
N ALA B 283 -29.73 5.19 9.89
CA ALA B 283 -29.06 5.41 8.59
C ALA B 283 -28.83 6.89 8.28
N LYS B 284 -29.57 7.80 8.94
CA LYS B 284 -29.30 9.22 8.81
C LYS B 284 -27.86 9.52 9.21
N CYS B 285 -27.29 8.74 10.14
CA CYS B 285 -25.89 8.95 10.53
C CYS B 285 -24.95 8.68 9.37
N VAL B 286 -25.25 7.65 8.56
CA VAL B 286 -24.43 7.37 7.39
C VAL B 286 -24.58 8.50 6.39
N GLU B 287 -25.81 8.97 6.18
CA GLU B 287 -26.03 10.08 5.24
C GLU B 287 -25.24 11.32 5.65
N VAL B 288 -25.28 11.67 6.94
CA VAL B 288 -24.54 12.85 7.41
C VAL B 288 -23.04 12.68 7.15
N VAL B 289 -22.47 11.52 7.54
CA VAL B 289 -21.02 11.34 7.40
C VAL B 289 -20.62 11.42 5.93
N LYS B 290 -21.45 10.87 5.03
CA LYS B 290 -21.12 10.91 3.60
C LYS B 290 -21.00 12.32 3.04
N THR B 291 -21.71 13.27 3.62
CA THR B 291 -21.72 14.63 3.05
C THR B 291 -20.37 15.29 3.12
N PHE B 292 -19.46 14.77 3.93
CA PHE B 292 -18.13 15.37 4.05
C PHE B 292 -17.16 14.87 3.00
N ASN B 293 -17.58 13.90 2.20
CA ASN B 293 -16.83 13.44 1.02
C ASN B 293 -15.41 13.01 1.39
N LEU B 294 -15.29 12.25 2.49
CA LEU B 294 -14.01 11.71 2.89
C LEU B 294 -14.00 10.20 2.70
N PRO B 295 -12.86 9.57 2.43
CA PRO B 295 -12.78 8.12 2.40
C PRO B 295 -13.41 7.55 3.67
N LEU B 296 -14.25 6.53 3.50
CA LEU B 296 -15.15 6.09 4.58
C LEU B 296 -15.13 4.56 4.65
N LEU B 297 -14.80 4.03 5.82
CA LEU B 297 -14.91 2.59 6.11
C LEU B 297 -16.12 2.39 7.02
N MET B 298 -17.13 1.70 6.51
CA MET B 298 -18.35 1.39 7.26
C MET B 298 -18.28 -0.05 7.79
N LEU B 299 -18.49 -0.20 9.10
CA LEU B 299 -18.36 -1.49 9.78
C LEU B 299 -19.66 -1.82 10.50
N GLY B 300 -19.82 -3.11 10.76
CA GLY B 300 -20.92 -3.61 11.61
C GLY B 300 -20.64 -3.42 13.10
N GLY B 301 -21.07 -4.35 13.90
CA GLY B 301 -20.91 -4.24 15.35
C GLY B 301 -22.01 -5.01 16.05
N GLY B 302 -22.56 -4.43 17.10
CA GLY B 302 -23.66 -5.08 17.77
C GLY B 302 -24.93 -5.09 16.93
N GLY B 303 -25.98 -5.70 17.50
CA GLY B 303 -27.26 -5.90 16.81
C GLY B 303 -27.74 -7.30 17.10
N TYR B 304 -28.81 -7.42 17.91
CA TYR B 304 -29.16 -8.68 18.56
C TYR B 304 -30.63 -9.04 18.35
N THR B 305 -31.37 -8.24 17.60
CA THR B 305 -32.67 -8.63 16.98
C THR B 305 -32.44 -8.77 15.48
N ILE B 306 -32.18 -10.01 15.04
CA ILE B 306 -31.40 -10.11 13.81
C ILE B 306 -32.18 -9.69 12.57
N ARG B 307 -33.53 -9.83 12.54
CA ARG B 307 -34.28 -9.31 11.40
C ARG B 307 -34.09 -7.80 11.23
N ASN B 308 -33.91 -7.08 12.35
CA ASN B 308 -33.76 -5.65 12.26
C ASN B 308 -32.33 -5.27 11.91
N VAL B 309 -31.35 -6.11 12.30
CA VAL B 309 -29.96 -5.92 11.87
C VAL B 309 -29.87 -6.03 10.33
N ALA B 310 -30.50 -7.07 9.77
CA ALA B 310 -30.44 -7.25 8.32
C ALA B 310 -31.10 -6.07 7.62
N ARG B 311 -32.26 -5.61 8.12
CA ARG B 311 -32.90 -4.41 7.55
C ARG B 311 -31.95 -3.20 7.59
N CYS B 312 -31.35 -2.99 8.75
CA CYS B 312 -30.55 -1.79 8.97
C CYS B 312 -29.37 -1.76 8.01
N TRP B 313 -28.62 -2.86 7.98
CA TRP B 313 -27.37 -2.86 7.21
C TRP B 313 -27.66 -2.97 5.72
N THR B 314 -28.79 -3.56 5.35
CA THR B 314 -29.22 -3.46 3.95
C THR B 314 -29.50 -2.02 3.56
N TYR B 315 -30.29 -1.31 4.38
CA TYR B 315 -30.60 0.06 4.00
C TYR B 315 -29.36 0.94 4.00
N GLU B 316 -28.45 0.71 4.96
CA GLU B 316 -27.23 1.52 5.02
C GLU B 316 -26.31 1.24 3.84
N THR B 317 -26.35 0.04 3.29
CA THR B 317 -25.62 -0.24 2.05
C THR B 317 -26.25 0.55 0.92
N ALA B 318 -27.58 0.56 0.84
CA ALA B 318 -28.24 1.38 -0.20
C ALA B 318 -27.87 2.86 -0.03
N VAL B 319 -27.82 3.34 1.24
CA VAL B 319 -27.41 4.73 1.48
C VAL B 319 -26.00 4.97 0.97
N ALA B 320 -25.10 4.03 1.21
CA ALA B 320 -23.73 4.21 0.73
C ALA B 320 -23.69 4.31 -0.79
N LEU B 321 -24.54 3.55 -1.46
CA LEU B 321 -24.67 3.48 -2.93
C LEU B 321 -25.48 4.64 -3.49
N ASP B 322 -26.00 5.51 -2.64
CA ASP B 322 -26.79 6.67 -3.04
C ASP B 322 -28.02 6.24 -3.80
N CYS B 323 -28.69 5.23 -3.29
CA CYS B 323 -29.93 4.89 -3.93
C CYS B 323 -30.97 4.52 -2.90
N GLU B 324 -32.21 4.58 -3.37
CA GLU B 324 -33.28 4.12 -2.51
C GLU B 324 -33.72 2.73 -2.93
N ILE B 325 -34.40 2.08 -1.99
CA ILE B 325 -34.94 0.76 -2.26
C ILE B 325 -36.34 0.71 -1.68
N PRO B 326 -37.20 -0.13 -2.23
CA PRO B 326 -38.59 -0.13 -1.75
C PRO B 326 -38.75 -0.68 -0.34
N ASN B 327 -39.76 -0.14 0.36
CA ASN B 327 -40.12 -0.68 1.66
C ASN B 327 -40.60 -2.12 1.57
N GLU B 328 -41.24 -2.50 0.46
CA GLU B 328 -41.65 -3.88 0.24
C GLU B 328 -40.42 -4.79 0.14
N LEU B 329 -40.23 -5.73 1.06
CA LEU B 329 -39.04 -6.54 0.96
C LEU B 329 -39.14 -7.49 -0.23
N PRO B 330 -38.05 -7.73 -0.95
CA PRO B 330 -38.06 -8.75 -1.99
C PRO B 330 -38.09 -10.11 -1.32
N TYR B 331 -38.60 -11.10 -2.06
CA TYR B 331 -38.44 -12.46 -1.58
C TYR B 331 -36.96 -12.77 -1.40
N ASN B 332 -36.64 -13.60 -0.38
CA ASN B 332 -35.26 -13.89 -0.05
C ASN B 332 -35.26 -15.16 0.79
N ASP B 333 -34.06 -15.70 1.03
CA ASP B 333 -33.90 -17.00 1.71
C ASP B 333 -34.43 -16.99 3.13
N TYR B 334 -34.60 -15.81 3.73
CA TYR B 334 -35.03 -15.68 5.12
C TYR B 334 -36.32 -14.87 5.23
N PHE B 335 -37.17 -14.92 4.18
CA PHE B 335 -38.32 -14.04 4.11
C PHE B 335 -39.21 -14.11 5.36
N GLU B 336 -39.45 -15.33 5.87
CA GLU B 336 -40.33 -15.51 7.01
C GLU B 336 -39.81 -14.85 8.29
N TYR B 337 -38.51 -14.54 8.36
CA TYR B 337 -37.98 -13.86 9.53
C TYR B 337 -38.50 -12.43 9.63
N PHE B 338 -39.03 -11.87 8.55
CA PHE B 338 -39.40 -10.46 8.49
C PHE B 338 -40.91 -10.21 8.63
N GLY B 339 -41.68 -11.23 9.02
CA GLY B 339 -43.05 -10.98 9.34
C GLY B 339 -43.16 -10.18 10.63
N PRO B 340 -44.36 -9.65 10.90
CA PRO B 340 -45.58 -9.92 10.14
C PRO B 340 -45.83 -9.03 8.94
N ASP B 341 -45.01 -7.98 8.77
CA ASP B 341 -45.31 -7.01 7.73
CA ASP B 341 -45.22 -6.92 7.79
C ASP B 341 -44.41 -7.10 6.51
N PHE B 342 -43.25 -7.77 6.59
CA PHE B 342 -42.36 -7.96 5.44
C PHE B 342 -41.96 -6.61 4.81
N LYS B 343 -41.73 -5.61 5.67
CA LYS B 343 -41.27 -4.29 5.27
C LYS B 343 -39.83 -4.11 5.70
N LEU B 344 -39.12 -3.25 4.98
CA LEU B 344 -37.74 -2.91 5.33
C LEU B 344 -37.66 -2.02 6.56
N HIS B 345 -38.51 -1.01 6.62
CA HIS B 345 -38.48 0.00 7.68
C HIS B 345 -39.31 -0.43 8.88
N ILE B 346 -38.90 0.06 10.05
CA ILE B 346 -39.50 -0.34 11.32
C ILE B 346 -40.10 0.87 12.01
N SER B 347 -41.18 0.60 12.78
CA SER B 347 -41.77 1.67 13.56
C SER B 347 -41.12 1.74 14.92
N PRO B 348 -41.07 2.93 15.51
CA PRO B 348 -40.58 3.04 16.88
C PRO B 348 -41.63 2.53 17.85
N SER B 349 -41.17 2.25 19.06
CA SER B 349 -42.09 1.80 20.09
C SER B 349 -42.65 2.99 20.86
N ASN B 350 -43.51 2.70 21.85
CA ASN B 350 -44.07 3.71 22.72
C ASN B 350 -43.21 3.97 23.96
N MET B 351 -41.98 3.47 24.00
CA MET B 351 -41.14 3.71 25.17
C MET B 351 -40.87 5.21 25.37
N THR B 352 -40.78 5.62 26.65
CA THR B 352 -40.48 7.01 26.95
C THR B 352 -39.05 7.37 26.54
N ASN B 353 -38.89 8.55 25.95
CA ASN B 353 -37.56 9.10 25.69
C ASN B 353 -37.10 9.82 26.96
N GLN B 354 -36.17 9.21 27.68
CA GLN B 354 -35.65 9.82 28.91
C GLN B 354 -34.64 10.94 28.66
N ASN B 355 -34.26 11.18 27.41
CA ASN B 355 -33.33 12.25 27.05
C ASN B 355 -34.17 13.50 26.81
N THR B 356 -34.28 14.35 27.83
CA THR B 356 -35.06 15.56 27.63
C THR B 356 -34.35 16.49 26.65
N PRO B 357 -35.10 17.42 26.05
CA PRO B 357 -34.47 18.37 25.13
C PRO B 357 -33.39 19.18 25.79
N GLU B 358 -33.60 19.53 27.08
CA GLU B 358 -32.59 20.31 27.79
C GLU B 358 -31.35 19.47 28.09
N TYR B 359 -31.54 18.20 28.45
CA TYR B 359 -30.39 17.31 28.64
C TYR B 359 -29.54 17.24 27.38
N MET B 360 -30.21 17.01 26.23
CA MET B 360 -29.45 16.86 24.99
C MET B 360 -28.68 18.12 24.63
N GLU B 361 -29.29 19.32 24.78
CA GLU B 361 -28.60 20.56 24.44
CA GLU B 361 -28.57 20.53 24.42
C GLU B 361 -27.48 20.87 25.43
N LYS B 362 -27.70 20.59 26.72
CA LYS B 362 -26.67 20.82 27.72
C LYS B 362 -25.44 19.96 27.47
N ILE B 363 -25.65 18.67 27.17
CA ILE B 363 -24.50 17.81 26.87
C ILE B 363 -23.83 18.28 25.59
N LYS B 364 -24.63 18.63 24.57
CA LYS B 364 -24.08 19.13 23.32
C LYS B 364 -23.22 20.37 23.56
N GLN B 365 -23.68 21.27 24.41
CA GLN B 365 -22.91 22.49 24.65
C GLN B 365 -21.59 22.17 25.36
N ARG B 366 -21.60 21.23 26.31
CA ARG B 366 -20.36 20.85 27.00
C ARG B 366 -19.37 20.24 26.02
N LEU B 367 -19.86 19.39 25.10
CA LEU B 367 -18.96 18.83 24.11
C LEU B 367 -18.44 19.91 23.16
N PHE B 368 -19.29 20.86 22.79
CA PHE B 368 -18.84 21.96 21.95
CA PHE B 368 -18.84 21.94 21.94
C PHE B 368 -17.72 22.74 22.61
N GLU B 369 -17.81 22.95 23.92
CA GLU B 369 -16.73 23.63 24.64
C GLU B 369 -15.43 22.84 24.53
N ASN B 370 -15.51 21.51 24.63
CA ASN B 370 -14.30 20.72 24.47
C ASN B 370 -13.75 20.81 23.06
N LEU B 371 -14.64 20.81 22.07
CA LEU B 371 -14.16 20.85 20.69
C LEU B 371 -13.51 22.18 20.38
N ARG B 372 -13.87 23.23 21.10
CA ARG B 372 -13.26 24.52 20.82
C ARG B 372 -11.84 24.58 21.34
N MET B 373 -11.43 23.63 22.17
CA MET B 373 -10.08 23.56 22.70
C MET B 373 -9.07 22.96 21.72
N LEU B 374 -9.50 22.49 20.54
CA LEU B 374 -8.58 22.00 19.52
C LEU B 374 -7.92 23.17 18.79
N PRO B 375 -6.69 22.99 18.30
CA PRO B 375 -5.98 24.02 17.51
C PRO B 375 -6.80 24.56 16.34
N LYS C 9 20.65 41.09 23.90
CA LYS C 9 20.42 39.71 23.48
C LYS C 9 21.68 39.10 22.88
N LYS C 10 21.51 38.44 21.74
CA LYS C 10 22.63 37.87 21.00
C LYS C 10 23.10 38.86 19.94
N LYS C 11 24.42 38.93 19.76
CA LYS C 11 24.99 39.81 18.75
C LYS C 11 24.92 39.17 17.37
N VAL C 12 24.51 39.97 16.38
CA VAL C 12 24.39 39.53 15.00
C VAL C 12 25.24 40.44 14.13
N CYS C 13 26.19 39.85 13.40
CA CYS C 13 26.94 40.56 12.37
C CYS C 13 26.46 40.08 11.00
N TYR C 14 26.40 41.00 10.05
CA TYR C 14 25.70 40.77 8.80
C TYR C 14 26.57 41.29 7.67
N TYR C 15 26.76 40.49 6.62
CA TYR C 15 27.74 40.77 5.57
C TYR C 15 27.02 41.04 4.26
N TYR C 16 27.39 42.14 3.60
CA TYR C 16 26.68 42.54 2.39
C TYR C 16 27.54 43.51 1.62
N ASP C 17 27.70 43.24 0.33
CA ASP C 17 28.35 44.15 -0.60
C ASP C 17 27.30 44.67 -1.57
N GLY C 18 27.17 46.00 -1.67
CA GLY C 18 26.14 46.58 -2.51
C GLY C 18 26.27 46.28 -3.99
N ASP C 19 27.42 45.79 -4.45
CA ASP C 19 27.54 45.37 -5.83
C ASP C 19 26.90 44.01 -6.10
N ILE C 20 26.60 43.22 -5.06
CA ILE C 20 26.21 41.82 -5.30
C ILE C 20 24.99 41.71 -6.20
N GLY C 21 24.05 42.64 -6.10
CA GLY C 21 22.83 42.55 -6.87
C GLY C 21 23.00 42.82 -8.35
N ASN C 22 24.18 43.28 -8.75
CA ASN C 22 24.41 43.62 -10.14
C ASN C 22 24.96 42.46 -10.96
N TYR C 23 25.37 41.36 -10.33
CA TYR C 23 25.81 40.21 -11.09
C TYR C 23 24.61 39.51 -11.69
N TYR C 24 24.72 39.16 -12.97
CA TYR C 24 23.61 38.67 -13.78
C TYR C 24 23.99 37.39 -14.48
N TYR C 25 23.27 36.30 -14.16
CA TYR C 25 23.59 35.00 -14.76
C TYR C 25 23.19 34.87 -16.22
N GLY C 26 22.35 35.75 -16.74
CA GLY C 26 21.93 35.61 -18.12
C GLY C 26 20.42 35.66 -18.25
N GLN C 27 19.95 36.05 -19.43
CA GLN C 27 18.52 36.09 -19.72
C GLN C 27 17.89 34.73 -19.47
N GLY C 28 16.85 34.70 -18.66
CA GLY C 28 16.13 33.48 -18.42
C GLY C 28 16.73 32.57 -17.37
N HIS C 29 17.91 32.89 -16.85
CA HIS C 29 18.49 32.02 -15.82
C HIS C 29 17.77 32.22 -14.50
N PRO C 30 17.40 31.14 -13.81
CA PRO C 30 16.65 31.27 -12.55
C PRO C 30 17.43 31.91 -11.42
N MET C 31 18.77 31.83 -11.42
CA MET C 31 19.55 32.38 -10.32
C MET C 31 19.69 33.89 -10.49
N LYS C 32 19.18 34.65 -9.52
CA LYS C 32 19.12 36.10 -9.64
C LYS C 32 19.72 36.77 -8.41
N PRO C 33 21.00 37.17 -8.46
CA PRO C 33 21.63 37.80 -7.27
C PRO C 33 20.91 39.06 -6.83
N HIS C 34 20.14 39.67 -7.71
CA HIS C 34 19.31 40.80 -7.32
C HIS C 34 18.40 40.47 -6.11
N ARG C 35 18.04 39.19 -5.91
CA ARG C 35 17.25 38.85 -4.71
C ARG C 35 17.98 39.21 -3.41
N ILE C 36 19.32 39.25 -3.41
CA ILE C 36 20.04 39.59 -2.19
C ILE C 36 19.88 41.08 -1.89
N ARG C 37 19.89 41.90 -2.94
CA ARG C 37 19.68 43.34 -2.79
C ARG C 37 18.25 43.63 -2.34
N MET C 38 17.28 42.91 -2.91
CA MET C 38 15.91 43.03 -2.42
C MET C 38 15.82 42.71 -0.94
N THR C 39 16.39 41.57 -0.54
CA THR C 39 16.43 41.21 0.88
C THR C 39 17.03 42.34 1.70
N HIS C 40 18.16 42.88 1.25
CA HIS C 40 18.84 43.90 2.03
C HIS C 40 17.96 45.12 2.22
N ASN C 41 17.31 45.54 1.15
CA ASN C 41 16.52 46.76 1.18
C ASN C 41 15.28 46.56 2.05
N LEU C 42 14.66 45.39 1.95
CA LEU C 42 13.48 45.13 2.77
CA LEU C 42 13.48 45.09 2.78
C LEU C 42 13.83 45.19 4.25
N LEU C 43 14.92 44.52 4.66
CA LEU C 43 15.24 44.52 6.08
C LEU C 43 15.80 45.86 6.54
N LEU C 44 16.41 46.64 5.64
CA LEU C 44 16.73 48.03 5.97
C LEU C 44 15.47 48.81 6.30
N ASN C 45 14.42 48.62 5.50
CA ASN C 45 13.20 49.41 5.72
C ASN C 45 12.40 48.93 6.93
N TYR C 46 12.57 47.67 7.34
CA TYR C 46 12.02 47.24 8.63
C TYR C 46 12.80 47.79 9.81
N GLY C 47 13.96 48.41 9.56
CA GLY C 47 14.78 48.98 10.61
C GLY C 47 15.76 48.04 11.27
N LEU C 48 15.86 46.79 10.78
CA LEU C 48 16.72 45.79 11.44
C LEU C 48 18.19 46.17 11.41
N TYR C 49 18.58 47.14 10.57
CA TYR C 49 19.95 47.65 10.60
C TYR C 49 20.28 48.31 11.93
N ARG C 50 19.29 48.76 12.69
CA ARG C 50 19.59 49.37 13.98
C ARG C 50 20.00 48.35 15.02
N LYS C 51 19.83 47.06 14.74
CA LYS C 51 20.03 46.00 15.72
C LYS C 51 21.22 45.11 15.42
N MET C 52 21.95 45.34 14.33
CA MET C 52 23.05 44.44 13.98
C MET C 52 24.17 45.21 13.31
N GLU C 53 25.39 44.70 13.47
CA GLU C 53 26.55 45.30 12.80
C GLU C 53 26.58 44.82 11.35
N ILE C 54 26.74 45.76 10.43
CA ILE C 54 26.71 45.48 9.01
C ILE C 54 28.10 45.75 8.45
N TYR C 55 28.72 44.72 7.85
CA TYR C 55 30.06 44.78 7.27
C TYR C 55 30.01 44.54 5.77
N ARG C 56 30.90 45.23 5.05
CA ARG C 56 31.15 44.93 3.66
C ARG C 56 32.28 43.92 3.59
N PRO C 57 32.05 42.71 3.07
CA PRO C 57 33.11 41.70 3.10
C PRO C 57 34.24 42.01 2.12
N HIS C 58 35.45 41.65 2.55
CA HIS C 58 36.58 41.51 1.64
C HIS C 58 36.25 40.49 0.54
N LYS C 59 36.76 40.75 -0.67
CA LYS C 59 36.78 39.72 -1.69
C LYS C 59 37.74 38.61 -1.29
N ALA C 60 37.24 37.36 -1.26
CA ALA C 60 38.12 36.23 -1.02
C ALA C 60 39.14 36.15 -2.16
N THR C 61 40.39 35.87 -1.80
CA THR C 61 41.39 35.74 -2.86
C THR C 61 41.33 34.38 -3.55
N ALA C 62 41.93 34.32 -4.73
CA ALA C 62 42.06 33.05 -5.44
C ALA C 62 42.84 32.07 -4.59
N GLU C 63 43.86 32.55 -3.87
CA GLU C 63 44.63 31.67 -3.00
C GLU C 63 43.76 31.05 -1.92
N GLU C 64 42.94 31.87 -1.27
CA GLU C 64 42.00 31.37 -0.26
C GLU C 64 41.10 30.27 -0.83
N MET C 65 40.60 30.46 -2.05
CA MET C 65 39.73 29.45 -2.65
C MET C 65 40.44 28.13 -2.86
N THR C 66 41.76 28.17 -3.12
CA THR C 66 42.50 26.92 -3.34
C THR C 66 42.83 26.20 -2.04
N LYS C 67 42.34 26.68 -0.89
CA LYS C 67 42.38 25.83 0.28
C LYS C 67 41.51 24.61 0.10
N TYR C 68 40.53 24.69 -0.79
CA TYR C 68 39.66 23.56 -1.12
C TYR C 68 39.68 23.24 -2.61
N HIS C 69 39.40 24.23 -3.46
CA HIS C 69 39.26 23.95 -4.88
C HIS C 69 40.64 23.77 -5.53
N SER C 70 40.67 23.05 -6.64
CA SER C 70 41.93 22.86 -7.35
C SER C 70 42.41 24.16 -7.97
N ASP C 71 43.74 24.30 -8.08
CA ASP C 71 44.30 25.48 -8.73
C ASP C 71 43.82 25.62 -10.16
N GLU C 72 43.77 24.51 -10.93
CA GLU C 72 43.37 24.60 -12.33
C GLU C 72 41.93 25.08 -12.45
N TYR C 73 41.04 24.63 -11.56
CA TYR C 73 39.66 25.09 -11.61
C TYR C 73 39.54 26.58 -11.25
N ILE C 74 40.22 27.03 -10.20
CA ILE C 74 40.13 28.43 -9.82
C ILE C 74 40.78 29.30 -10.88
N LYS C 75 41.90 28.85 -11.47
CA LYS C 75 42.51 29.62 -12.56
C LYS C 75 41.52 29.76 -13.72
N PHE C 76 40.82 28.68 -14.04
CA PHE C 76 39.80 28.73 -15.09
C PHE C 76 38.71 29.75 -14.74
N LEU C 77 38.16 29.69 -13.52
CA LEU C 77 37.12 30.65 -13.14
C LEU C 77 37.60 32.09 -13.27
N ARG C 78 38.88 32.35 -12.95
CA ARG C 78 39.43 33.69 -13.02
C ARG C 78 39.69 34.12 -14.45
N SER C 79 39.80 33.18 -15.38
CA SER C 79 40.18 33.47 -16.76
C SER C 79 39.02 33.54 -17.73
N ILE C 80 37.95 32.77 -17.49
CA ILE C 80 36.92 32.59 -18.50
C ILE C 80 36.04 33.86 -18.59
N ARG C 81 35.68 34.23 -19.81
CA ARG C 81 34.89 35.42 -20.10
C ARG C 81 33.91 35.05 -21.21
N PRO C 82 32.77 35.77 -21.30
CA PRO C 82 31.88 35.49 -22.43
C PRO C 82 32.58 35.54 -23.78
N ASP C 83 33.56 36.43 -23.92
CA ASP C 83 34.17 36.62 -25.23
C ASP C 83 35.30 35.65 -25.55
N ASN C 84 35.71 34.79 -24.61
CA ASN C 84 36.83 33.90 -24.91
C ASN C 84 36.47 32.42 -24.76
N MET C 85 35.18 32.08 -24.67
CA MET C 85 34.78 30.70 -24.44
C MET C 85 35.30 29.73 -25.48
N SER C 86 35.50 30.19 -26.73
CA SER C 86 35.96 29.26 -27.77
C SER C 86 37.35 28.71 -27.46
N GLU C 87 38.18 29.49 -26.77
CA GLU C 87 39.50 29.02 -26.39
C GLU C 87 39.45 28.04 -25.24
N TYR C 88 38.31 27.95 -24.52
CA TYR C 88 38.25 27.18 -23.27
C TYR C 88 37.26 26.03 -23.31
N SER C 89 36.95 25.50 -24.50
CA SER C 89 35.88 24.51 -24.58
C SER C 89 36.24 23.23 -23.82
N LYS C 90 37.50 22.81 -23.86
CA LYS C 90 37.88 21.59 -23.13
C LYS C 90 37.78 21.78 -21.62
N GLN C 91 38.20 22.95 -21.13
CA GLN C 91 38.09 23.22 -19.70
C GLN C 91 36.65 23.42 -19.29
N MET C 92 35.81 23.94 -20.18
CA MET C 92 34.41 24.12 -19.81
C MET C 92 33.77 22.76 -19.58
N GLN C 93 34.11 21.79 -20.42
CA GLN C 93 33.62 20.44 -20.18
C GLN C 93 34.21 19.83 -18.91
N ARG C 94 35.52 20.00 -18.70
CA ARG C 94 36.16 19.44 -17.51
C ARG C 94 35.52 19.97 -16.24
N PHE C 95 35.18 21.26 -16.21
CA PHE C 95 34.74 21.90 -14.97
C PHE C 95 33.24 22.15 -14.93
N ASN C 96 32.50 21.69 -15.96
CA ASN C 96 31.02 21.80 -15.99
C ASN C 96 30.56 23.26 -15.94
N VAL C 97 31.18 24.11 -16.75
CA VAL C 97 30.82 25.52 -16.82
C VAL C 97 30.37 25.83 -18.24
N GLY C 98 29.20 26.44 -18.37
CA GLY C 98 28.71 26.86 -19.67
C GLY C 98 27.25 26.53 -19.89
N GLU C 99 26.68 25.65 -19.07
CA GLU C 99 25.30 25.20 -19.22
C GLU C 99 24.47 25.66 -18.02
N ASP C 100 24.08 24.75 -17.11
CA ASP C 100 23.49 25.11 -15.82
C ASP C 100 24.24 26.25 -15.14
N CYS C 101 25.55 26.23 -15.26
CA CYS C 101 26.44 27.17 -14.61
C CYS C 101 27.11 28.03 -15.66
N PRO C 102 26.44 29.09 -16.10
CA PRO C 102 26.90 29.84 -17.28
C PRO C 102 28.16 30.66 -17.02
N VAL C 103 28.77 31.07 -18.13
CA VAL C 103 29.79 32.11 -18.10
C VAL C 103 29.08 33.47 -18.16
N PHE C 104 29.36 34.34 -17.18
CA PHE C 104 28.81 35.69 -17.19
C PHE C 104 29.87 36.69 -16.75
N ASP C 105 29.67 37.96 -17.15
CA ASP C 105 30.59 39.03 -16.76
C ASP C 105 30.68 39.13 -15.25
N GLY C 106 31.90 39.13 -14.73
CA GLY C 106 32.10 39.29 -13.30
C GLY C 106 31.91 38.01 -12.51
N LEU C 107 31.79 36.86 -13.19
CA LEU C 107 31.63 35.58 -12.49
C LEU C 107 32.62 35.43 -11.32
N PHE C 108 33.89 35.71 -11.57
CA PHE C 108 34.87 35.48 -10.52
C PHE C 108 34.66 36.41 -9.36
N GLU C 109 34.39 37.70 -9.63
CA GLU C 109 34.16 38.65 -8.55
C GLU C 109 32.90 38.30 -7.75
N PHE C 110 31.88 37.79 -8.42
CA PHE C 110 30.70 37.30 -7.70
C PHE C 110 31.10 36.21 -6.71
N CYS C 111 31.89 35.24 -7.17
CA CYS C 111 32.38 34.18 -6.27
C CYS C 111 33.21 34.76 -5.12
N GLN C 112 34.00 35.80 -5.40
CA GLN C 112 34.85 36.38 -4.37
C GLN C 112 34.03 37.04 -3.27
N LEU C 113 32.93 37.69 -3.65
CA LEU C 113 32.10 38.37 -2.67
C LEU C 113 31.23 37.39 -1.89
N SER C 114 30.62 36.43 -2.60
CA SER C 114 29.88 35.35 -1.96
C SER C 114 30.77 34.65 -0.93
N THR C 115 31.97 34.24 -1.34
CA THR C 115 32.87 33.54 -0.44
C THR C 115 33.40 34.45 0.65
N GLY C 116 33.73 35.70 0.29
CA GLY C 116 34.28 36.63 1.28
C GLY C 116 33.35 36.84 2.46
N GLY C 117 32.04 36.95 2.21
CA GLY C 117 31.10 37.11 3.32
C GLY C 117 31.05 35.90 4.24
N SER C 118 31.14 34.68 3.68
CA SER C 118 31.04 33.49 4.52
C SER C 118 32.30 33.29 5.38
N VAL C 119 33.47 33.47 4.78
CA VAL C 119 34.70 33.33 5.54
C VAL C 119 34.82 34.45 6.58
N ALA C 120 34.42 35.68 6.21
CA ALA C 120 34.48 36.76 7.19
C ALA C 120 33.58 36.47 8.38
N GLY C 121 32.38 35.95 8.13
CA GLY C 121 31.53 35.54 9.23
C GLY C 121 32.18 34.48 10.09
N ALA C 122 32.82 33.48 9.46
CA ALA C 122 33.51 32.46 10.23
C ALA C 122 34.61 33.06 11.10
N VAL C 123 35.40 33.98 10.55
CA VAL C 123 36.47 34.61 11.33
C VAL C 123 35.88 35.35 12.52
N LYS C 124 34.74 36.02 12.31
CA LYS C 124 34.14 36.80 13.39
C LYS C 124 33.66 35.90 14.52
N LEU C 125 33.11 34.72 14.17
CA LEU C 125 32.74 33.73 15.17
C LEU C 125 33.95 33.12 15.87
N ASN C 126 35.00 32.83 15.11
CA ASN C 126 36.21 32.27 15.71
C ASN C 126 36.79 33.20 16.75
N ARG C 127 36.79 34.51 16.46
CA ARG C 127 37.32 35.53 17.35
C ARG C 127 36.37 35.86 18.49
N GLN C 128 35.18 35.26 18.50
CA GLN C 128 34.19 35.45 19.56
C GLN C 128 33.73 36.90 19.64
N GLN C 129 33.64 37.56 18.48
CA GLN C 129 33.18 38.93 18.40
C GLN C 129 31.73 39.02 17.93
N THR C 130 31.08 37.87 17.77
CA THR C 130 29.66 37.85 17.46
C THR C 130 29.12 36.49 17.85
N ASP C 131 27.79 36.44 18.03
CA ASP C 131 27.11 35.18 18.32
C ASP C 131 26.63 34.52 17.05
N MET C 132 26.15 35.33 16.10
CA MET C 132 25.64 34.93 14.82
C MET C 132 26.30 35.78 13.75
N ALA C 133 26.56 35.18 12.59
CA ALA C 133 26.99 35.90 11.41
C ALA C 133 26.08 35.48 10.27
N VAL C 134 25.71 36.43 9.41
CA VAL C 134 24.72 36.22 8.35
C VAL C 134 25.35 36.62 7.03
N ASN C 135 25.28 35.74 6.03
CA ASN C 135 25.75 36.06 4.68
C ASN C 135 24.76 35.50 3.66
N TRP C 136 23.76 36.33 3.26
CA TRP C 136 22.75 35.83 2.36
C TRP C 136 23.26 35.61 0.94
N ALA C 137 24.43 36.17 0.59
CA ALA C 137 25.03 35.88 -0.69
C ALA C 137 25.79 34.56 -0.73
N GLY C 138 25.97 33.89 0.41
CA GLY C 138 26.64 32.60 0.42
C GLY C 138 25.64 31.46 0.44
N GLY C 139 26.13 30.28 0.85
CA GLY C 139 25.29 29.09 0.83
C GLY C 139 25.32 28.29 -0.47
N LEU C 140 26.37 28.44 -1.28
CA LEU C 140 26.37 27.87 -2.62
C LEU C 140 26.90 26.43 -2.56
N HIS C 141 26.01 25.56 -2.08
CA HIS C 141 26.34 24.26 -1.53
C HIS C 141 26.69 23.17 -2.54
N HIS C 142 26.43 23.37 -3.85
CA HIS C 142 26.68 22.34 -4.83
C HIS C 142 28.10 22.36 -5.40
N ALA C 143 28.85 23.45 -5.24
CA ALA C 143 30.17 23.50 -5.87
C ALA C 143 31.10 22.41 -5.32
N LYS C 144 31.92 21.80 -6.22
CA LYS C 144 32.84 20.72 -5.88
C LYS C 144 34.28 21.17 -6.06
N LYS C 145 35.23 20.31 -5.67
CA LYS C 145 36.65 20.71 -5.70
C LYS C 145 37.07 21.25 -7.05
N SER C 146 36.68 20.57 -8.13
CA SER C 146 37.05 20.94 -9.50
C SER C 146 35.86 20.90 -10.43
N GLU C 147 34.68 21.32 -9.95
CA GLU C 147 33.50 21.27 -10.81
C GLU C 147 32.46 22.27 -10.31
N ALA C 148 31.92 23.05 -11.23
CA ALA C 148 30.75 23.84 -10.91
C ALA C 148 29.51 22.96 -11.02
N SER C 149 28.48 23.33 -10.28
CA SER C 149 27.28 22.50 -10.21
C SER C 149 26.12 23.31 -9.63
N GLY C 150 24.93 23.13 -10.21
CA GLY C 150 23.72 23.70 -9.59
C GLY C 150 23.78 25.18 -9.31
N PHE C 151 24.32 25.96 -10.25
CA PHE C 151 24.46 27.42 -10.19
C PHE C 151 25.55 27.87 -9.20
N CYS C 152 26.35 26.93 -8.68
CA CYS C 152 27.37 27.21 -7.67
C CYS C 152 28.75 26.97 -8.28
N TYR C 153 29.67 27.90 -8.07
CA TYR C 153 31.02 27.73 -8.63
C TYR C 153 32.08 27.54 -7.57
N VAL C 154 32.03 28.33 -6.51
CA VAL C 154 32.98 28.23 -5.41
C VAL C 154 32.17 27.90 -4.17
N ASN C 155 32.64 26.90 -3.42
CA ASN C 155 31.84 26.43 -2.29
C ASN C 155 32.22 27.24 -1.05
N ASP C 156 31.51 28.36 -0.89
CA ASP C 156 31.81 29.25 0.22
C ASP C 156 31.58 28.56 1.56
N ILE C 157 30.63 27.60 1.59
CA ILE C 157 30.30 26.92 2.83
C ILE C 157 31.48 26.10 3.29
N VAL C 158 32.05 25.30 2.38
CA VAL C 158 33.20 24.48 2.74
C VAL C 158 34.36 25.36 3.19
N LEU C 159 34.58 26.49 2.48
CA LEU C 159 35.71 27.35 2.87
C LEU C 159 35.47 27.99 4.24
N ALA C 160 34.21 28.37 4.54
CA ALA C 160 33.90 28.92 5.85
C ALA C 160 34.05 27.85 6.93
N ILE C 161 33.66 26.61 6.62
CA ILE C 161 33.80 25.58 7.66
C ILE C 161 35.28 25.27 7.90
N LEU C 162 36.11 25.27 6.83
CA LEU C 162 37.54 25.05 7.06
C LEU C 162 38.10 26.11 8.01
N GLU C 163 37.64 27.36 7.88
CA GLU C 163 38.06 28.41 8.81
C GLU C 163 37.56 28.15 10.23
N LEU C 164 36.28 27.73 10.39
CA LEU C 164 35.75 27.40 11.72
C LEU C 164 36.52 26.26 12.37
N LEU C 165 36.98 25.30 11.58
CA LEU C 165 37.72 24.17 12.14
C LEU C 165 39.08 24.54 12.72
N LYS C 166 39.57 25.76 12.49
CA LYS C 166 40.77 26.19 13.21
C LYS C 166 40.50 26.37 14.70
N TYR C 167 39.25 26.68 15.08
CA TYR C 167 38.92 27.03 16.44
C TYR C 167 37.88 26.11 17.07
N HIS C 168 37.27 25.22 16.29
CA HIS C 168 36.18 24.37 16.73
C HIS C 168 36.50 22.93 16.37
N GLN C 169 36.39 22.04 17.37
CA GLN C 169 36.69 20.63 17.13
C GLN C 169 35.64 19.99 16.23
N ARG C 170 34.36 20.33 16.47
CA ARG C 170 33.24 19.72 15.77
C ARG C 170 32.34 20.82 15.28
N VAL C 171 32.01 20.77 13.99
CA VAL C 171 31.11 21.74 13.35
C VAL C 171 29.93 21.00 12.76
N LEU C 172 28.73 21.49 13.02
CA LEU C 172 27.53 20.91 12.45
C LEU C 172 27.04 21.77 11.29
N TYR C 173 26.79 21.12 10.15
CA TYR C 173 26.21 21.78 8.98
C TYR C 173 24.79 21.26 8.74
N ILE C 174 23.84 22.19 8.59
CA ILE C 174 22.43 21.84 8.36
C ILE C 174 21.99 22.55 7.09
N ASP C 175 21.31 21.82 6.20
CA ASP C 175 20.96 22.27 4.85
C ASP C 175 19.46 22.11 4.61
N ILE C 176 18.71 23.22 4.64
CA ILE C 176 17.26 23.13 4.42
C ILE C 176 16.86 23.64 3.03
N ASP C 177 17.84 23.90 2.15
CA ASP C 177 17.56 24.00 0.72
C ASP C 177 16.78 22.77 0.25
N ILE C 178 15.94 22.92 -0.79
CA ILE C 178 15.21 21.73 -1.27
C ILE C 178 16.13 20.71 -1.95
N HIS C 179 17.33 21.12 -2.36
CA HIS C 179 18.27 20.20 -3.00
C HIS C 179 19.27 19.68 -1.98
N HIS C 180 19.74 18.46 -2.24
CA HIS C 180 20.77 17.85 -1.41
C HIS C 180 22.03 18.69 -1.37
N GLY C 181 22.58 18.91 -0.17
CA GLY C 181 23.83 19.66 -0.04
C GLY C 181 25.02 18.77 -0.37
N ASP C 182 25.13 18.37 -1.63
CA ASP C 182 26.11 17.37 -2.04
C ASP C 182 27.54 17.88 -1.97
N GLY C 183 27.81 19.14 -2.34
CA GLY C 183 29.21 19.56 -2.32
C GLY C 183 29.78 19.67 -0.91
N VAL C 184 28.96 20.07 0.05
CA VAL C 184 29.40 20.14 1.44
C VAL C 184 29.55 18.75 2.02
N GLU C 185 28.57 17.89 1.76
CA GLU C 185 28.65 16.52 2.25
C GLU C 185 29.91 15.83 1.72
N GLU C 186 30.19 16.01 0.42
CA GLU C 186 31.35 15.37 -0.20
C GLU C 186 32.65 15.87 0.44
N ALA C 187 32.77 17.17 0.70
CA ALA C 187 34.00 17.72 1.27
C ALA C 187 34.33 17.07 2.61
N PHE C 188 33.28 16.78 3.40
CA PHE C 188 33.46 16.33 4.78
C PHE C 188 33.03 14.86 4.98
N TYR C 189 32.91 14.12 3.88
CA TYR C 189 32.30 12.80 3.94
C TYR C 189 33.12 11.85 4.82
N THR C 190 34.43 12.03 4.89
CA THR C 190 35.28 11.08 5.62
C THR C 190 35.82 11.67 6.92
N THR C 191 35.20 12.75 7.44
CA THR C 191 35.65 13.26 8.73
C THR C 191 34.51 13.28 9.74
N ASP C 192 34.89 13.01 11.00
CA ASP C 192 33.93 13.20 12.09
C ASP C 192 33.98 14.61 12.65
N ARG C 193 34.85 15.48 12.13
CA ARG C 193 34.90 16.86 12.64
C ARG C 193 33.87 17.77 11.98
N VAL C 194 33.17 17.29 10.96
CA VAL C 194 32.03 18.01 10.39
C VAL C 194 30.94 16.98 10.20
N MET C 195 29.77 17.22 10.81
CA MET C 195 28.59 16.43 10.51
C MET C 195 27.68 17.23 9.60
N THR C 196 27.24 16.63 8.51
CA THR C 196 26.38 17.33 7.56
C THR C 196 25.01 16.69 7.65
N VAL C 197 23.99 17.53 7.69
CA VAL C 197 22.59 17.08 7.78
C VAL C 197 21.82 17.81 6.69
N SER C 198 21.30 17.07 5.72
CA SER C 198 20.52 17.66 4.62
C SER C 198 19.11 17.08 4.60
N PHE C 199 18.12 17.98 4.51
CA PHE C 199 16.74 17.65 4.20
C PHE C 199 16.48 18.09 2.77
N HIS C 200 15.88 17.22 1.96
CA HIS C 200 15.80 17.55 0.53
C HIS C 200 14.83 16.67 -0.22
N LYS C 201 14.33 17.18 -1.33
CA LYS C 201 13.59 16.33 -2.23
C LYS C 201 14.52 15.31 -2.88
N TYR C 202 14.05 14.07 -2.96
CA TYR C 202 14.84 12.98 -3.48
C TYR C 202 14.01 12.14 -4.44
N GLY C 203 14.59 11.81 -5.60
CA GLY C 203 13.91 11.01 -6.60
C GLY C 203 13.58 11.79 -7.86
N GLU C 204 14.22 11.43 -8.96
CA GLU C 204 14.07 12.14 -10.23
C GLU C 204 14.20 13.65 -10.01
N TYR C 205 15.28 14.02 -9.31
CA TYR C 205 15.46 15.41 -8.91
C TYR C 205 16.94 15.69 -8.70
N PHE C 206 17.35 16.89 -9.10
CA PHE C 206 18.74 17.30 -8.95
C PHE C 206 19.15 17.31 -7.47
N PRO C 207 20.40 16.92 -7.15
CA PRO C 207 21.45 16.40 -8.01
C PRO C 207 21.44 14.90 -8.16
N GLY C 208 20.55 14.22 -7.45
CA GLY C 208 20.45 12.78 -7.57
C GLY C 208 21.07 12.02 -6.44
N THR C 209 21.68 12.70 -5.48
CA THR C 209 22.35 12.12 -4.34
C THR C 209 21.57 12.40 -3.06
N GLY C 210 22.15 11.99 -1.93
CA GLY C 210 21.52 12.19 -0.64
C GLY C 210 20.49 11.13 -0.33
N ASP C 211 20.77 9.90 -0.73
CA ASP C 211 19.99 8.73 -0.32
C ASP C 211 20.09 8.54 1.19
N LEU C 212 19.03 7.98 1.77
CA LEU C 212 19.04 7.63 3.19
C LEU C 212 20.28 6.80 3.57
N ARG C 213 20.74 5.93 2.66
CA ARG C 213 21.87 5.05 2.96
C ARG C 213 23.23 5.73 2.87
N ASP C 214 23.29 7.01 2.48
CA ASP C 214 24.56 7.72 2.38
C ASP C 214 24.86 8.31 3.74
N ILE C 215 25.75 7.66 4.51
CA ILE C 215 25.95 8.00 5.90
C ILE C 215 27.40 8.42 6.21
N GLY C 216 28.24 8.55 5.19
CA GLY C 216 29.62 8.87 5.45
C GLY C 216 30.50 7.64 5.33
N ALA C 217 31.82 7.88 5.44
CA ALA C 217 32.77 6.78 5.30
C ALA C 217 34.01 7.04 6.14
N GLY C 218 34.75 5.96 6.42
CA GLY C 218 35.93 6.14 7.25
C GLY C 218 35.57 6.67 8.62
N LYS C 219 36.40 7.57 9.15
CA LYS C 219 36.08 8.21 10.43
C LYS C 219 34.78 9.00 10.37
N GLY C 220 34.33 9.36 9.17
CA GLY C 220 33.07 10.07 9.02
C GLY C 220 31.86 9.16 8.88
N LYS C 221 32.01 7.84 9.03
CA LYS C 221 30.85 6.98 8.96
C LYS C 221 29.89 7.31 10.10
N TYR C 222 28.63 7.57 9.74
CA TYR C 222 27.51 8.04 10.59
C TYR C 222 27.55 9.54 10.83
N TYR C 223 28.46 10.29 10.19
CA TYR C 223 28.48 11.74 10.34
C TYR C 223 27.95 12.46 9.09
N ALA C 224 27.32 11.74 8.18
CA ALA C 224 26.53 12.37 7.13
C ALA C 224 25.10 11.86 7.32
N VAL C 225 24.13 12.79 7.33
CA VAL C 225 22.73 12.48 7.60
C VAL C 225 21.90 13.03 6.47
N ASN C 226 21.04 12.19 5.87
CA ASN C 226 20.22 12.58 4.73
C ASN C 226 18.78 12.19 5.01
N PHE C 227 17.87 13.15 4.89
CA PHE C 227 16.43 12.91 5.01
C PHE C 227 15.80 13.14 3.64
N PRO C 228 15.68 12.10 2.84
CA PRO C 228 15.05 12.23 1.50
C PRO C 228 13.54 12.40 1.62
N MET C 229 13.00 13.34 0.86
CA MET C 229 11.58 13.68 0.92
C MET C 229 10.93 13.59 -0.45
N ARG C 230 9.59 13.44 -0.45
CA ARG C 230 8.77 13.51 -1.65
C ARG C 230 8.19 14.91 -1.80
N ASP C 231 7.49 15.15 -2.92
CA ASP C 231 6.82 16.43 -3.15
C ASP C 231 5.86 16.82 -2.04
N GLY C 232 5.73 18.12 -1.80
CA GLY C 232 4.57 18.66 -1.10
C GLY C 232 4.65 18.72 0.41
N ILE C 233 5.82 18.50 1.01
CA ILE C 233 5.91 18.55 2.46
C ILE C 233 5.50 19.93 2.96
N ASP C 234 4.78 19.96 4.08
CA ASP C 234 4.22 21.22 4.58
C ASP C 234 4.83 21.55 5.92
N ASP C 235 4.42 22.72 6.46
CA ASP C 235 5.00 23.26 7.68
C ASP C 235 4.92 22.25 8.83
N GLU C 236 3.74 21.65 9.01
CA GLU C 236 3.55 20.71 10.11
C GLU C 236 4.45 19.49 9.96
N SER C 237 4.44 18.86 8.78
CA SER C 237 5.20 17.64 8.56
C SER C 237 6.70 17.90 8.65
N TYR C 238 7.14 19.02 8.11
CA TYR C 238 8.57 19.33 8.13
C TYR C 238 9.04 19.61 9.55
N GLY C 239 8.28 20.44 10.28
CA GLY C 239 8.71 20.81 11.61
C GLY C 239 8.74 19.64 12.58
N GLN C 240 7.85 18.67 12.38
CA GLN C 240 7.84 17.55 13.32
C GLN C 240 8.89 16.51 12.98
N ILE C 241 9.65 16.66 11.90
CA ILE C 241 10.83 15.85 11.77
C ILE C 241 12.11 16.67 11.97
N PHE C 242 12.09 17.96 11.62
CA PHE C 242 13.29 18.77 11.78
C PHE C 242 13.70 18.87 13.25
N LYS C 243 12.77 19.27 14.14
CA LYS C 243 13.16 19.44 15.54
C LYS C 243 13.60 18.14 16.20
N PRO C 244 12.88 17.02 16.08
CA PRO C 244 13.41 15.77 16.66
C PRO C 244 14.77 15.37 16.12
N ILE C 245 14.97 15.43 14.79
CA ILE C 245 16.24 15.04 14.20
C ILE C 245 17.38 15.95 14.69
N ILE C 246 17.22 17.28 14.57
CA ILE C 246 18.29 18.18 14.99
C ILE C 246 18.56 18.07 16.49
N SER C 247 17.51 17.91 17.31
CA SER C 247 17.73 17.75 18.75
C SER C 247 18.55 16.50 19.06
N LYS C 248 18.30 15.41 18.34
CA LYS C 248 19.09 14.19 18.55
C LYS C 248 20.50 14.40 18.02
N VAL C 249 20.65 15.08 16.88
CA VAL C 249 21.99 15.38 16.38
C VAL C 249 22.78 16.17 17.42
N MET C 250 22.16 17.22 17.96
CA MET C 250 22.81 18.06 18.96
C MET C 250 23.25 17.24 20.18
N GLU C 251 22.34 16.38 20.66
CA GLU C 251 22.63 15.56 21.84
C GLU C 251 23.80 14.61 21.58
N MET C 252 23.79 13.94 20.43
CA MET C 252 24.77 12.92 20.11
C MET C 252 26.08 13.51 19.61
N TYR C 253 26.03 14.59 18.83
CA TYR C 253 27.25 15.10 18.21
C TYR C 253 27.93 16.22 18.99
N GLN C 254 27.17 16.99 19.78
CA GLN C 254 27.69 18.09 20.59
C GLN C 254 28.65 19.02 19.83
N PRO C 255 28.19 19.66 18.76
CA PRO C 255 29.05 20.56 18.00
C PRO C 255 29.33 21.82 18.82
N SER C 256 30.43 22.50 18.48
CA SER C 256 30.67 23.80 19.11
C SER C 256 30.41 24.95 18.17
N ALA C 257 30.07 24.69 16.91
CA ALA C 257 29.62 25.74 16.00
C ALA C 257 28.66 25.12 14.99
N VAL C 258 27.77 25.95 14.44
CA VAL C 258 26.73 25.50 13.51
C VAL C 258 26.74 26.39 12.27
N VAL C 259 26.62 25.76 11.11
CA VAL C 259 26.42 26.45 9.84
C VAL C 259 25.06 26.01 9.30
N LEU C 260 24.17 26.97 9.04
CA LEU C 260 22.80 26.68 8.62
C LEU C 260 22.60 27.30 7.24
N GLN C 261 22.48 26.45 6.24
CA GLN C 261 22.19 26.89 4.89
C GLN C 261 20.67 27.02 4.77
N CYS C 262 20.19 28.23 4.47
CA CYS C 262 18.76 28.54 4.54
C CYS C 262 18.16 28.70 3.15
N GLY C 263 18.53 27.83 2.22
CA GLY C 263 18.08 27.96 0.84
C GLY C 263 16.56 28.00 0.80
N ALA C 264 16.02 28.97 0.08
CA ALA C 264 14.60 29.31 0.17
C ALA C 264 13.78 28.63 -0.92
N ASP C 265 14.38 27.73 -1.69
CA ASP C 265 13.64 27.03 -2.73
C ASP C 265 12.80 25.88 -2.17
N SER C 266 12.85 25.69 -0.84
CA SER C 266 11.95 24.78 -0.15
C SER C 266 10.62 25.47 0.19
N LEU C 267 10.46 26.76 -0.16
CA LEU C 267 9.20 27.48 0.07
C LEU C 267 8.13 27.10 -0.96
N SER C 268 6.88 27.14 -0.51
CA SER C 268 5.75 27.03 -1.43
C SER C 268 5.89 28.04 -2.56
N GLY C 269 5.60 27.59 -3.77
CA GLY C 269 5.58 28.45 -4.93
C GLY C 269 6.94 28.71 -5.54
N ASP C 270 8.00 28.06 -5.07
CA ASP C 270 9.30 28.30 -5.70
C ASP C 270 9.31 27.86 -7.15
N ARG C 271 10.00 28.63 -8.00
CA ARG C 271 10.05 28.31 -9.43
C ARG C 271 10.64 26.94 -9.72
N LEU C 272 11.61 26.47 -8.92
CA LEU C 272 12.24 25.18 -9.18
C LEU C 272 11.83 24.10 -8.20
N GLY C 273 11.28 24.48 -7.05
CA GLY C 273 11.04 23.55 -5.97
C GLY C 273 9.60 23.03 -5.98
N CYS C 274 9.38 22.01 -5.16
CA CYS C 274 8.09 21.33 -5.11
C CYS C 274 7.68 21.02 -3.68
N PHE C 275 8.18 21.80 -2.73
CA PHE C 275 7.77 21.75 -1.33
C PHE C 275 6.68 22.80 -1.10
N ASN C 276 6.10 22.78 0.11
CA ASN C 276 4.94 23.62 0.46
C ASN C 276 5.14 24.29 1.81
N LEU C 277 6.35 24.72 2.14
CA LEU C 277 6.62 25.46 3.35
C LEU C 277 6.23 26.93 3.21
N THR C 278 5.81 27.53 4.34
CA THR C 278 5.67 28.97 4.39
C THR C 278 6.95 29.60 4.94
N VAL C 279 7.01 30.93 4.90
CA VAL C 279 8.13 31.63 5.52
C VAL C 279 8.21 31.28 7.00
N LYS C 280 7.05 31.14 7.66
CA LYS C 280 7.06 30.79 9.08
C LYS C 280 7.62 29.39 9.30
N GLY C 281 7.25 28.45 8.43
CA GLY C 281 7.68 27.09 8.63
C GLY C 281 9.15 26.92 8.31
N HIS C 282 9.63 27.66 7.30
CA HIS C 282 11.06 27.70 7.00
C HIS C 282 11.84 28.29 8.17
N ALA C 283 11.39 29.44 8.71
CA ALA C 283 12.13 30.13 9.77
C ALA C 283 12.07 29.40 11.11
N LYS C 284 11.09 28.51 11.29
CA LYS C 284 11.08 27.67 12.48
C LYS C 284 12.40 26.91 12.60
N CYS C 285 13.02 26.56 11.47
CA CYS C 285 14.31 25.88 11.52
C CYS C 285 15.38 26.76 12.14
N VAL C 286 15.40 28.05 11.79
CA VAL C 286 16.28 29.01 12.45
C VAL C 286 16.00 29.08 13.94
N GLU C 287 14.72 29.13 14.31
CA GLU C 287 14.36 29.22 15.73
C GLU C 287 14.90 28.04 16.51
N VAL C 288 14.69 26.82 15.97
CA VAL C 288 15.14 25.60 16.65
C VAL C 288 16.65 25.62 16.85
N VAL C 289 17.40 25.94 15.78
CA VAL C 289 18.84 25.93 15.90
C VAL C 289 19.32 26.96 16.93
N LYS C 290 18.63 28.12 16.99
CA LYS C 290 19.01 29.15 17.95
C LYS C 290 18.89 28.70 19.39
N THR C 291 17.93 27.81 19.71
CA THR C 291 17.73 27.40 21.09
C THR C 291 18.94 26.69 21.69
N PHE C 292 19.89 26.25 20.87
CA PHE C 292 21.05 25.55 21.41
C PHE C 292 22.20 26.50 21.76
N ASN C 293 22.06 27.79 21.49
CA ASN C 293 23.00 28.81 21.96
C ASN C 293 24.43 28.51 21.54
N LEU C 294 24.60 28.08 20.28
CA LEU C 294 25.92 27.82 19.71
C LEU C 294 26.28 28.88 18.68
N PRO C 295 27.56 29.22 18.52
CA PRO C 295 27.96 30.15 17.44
C PRO C 295 27.37 29.66 16.13
N LEU C 296 26.79 30.58 15.37
CA LEU C 296 25.92 30.18 14.26
C LEU C 296 26.22 31.05 13.06
N LEU C 297 26.57 30.41 11.94
CA LEU C 297 26.72 31.07 10.65
C LEU C 297 25.50 30.75 9.79
N MET C 298 24.72 31.77 9.43
CA MET C 298 23.53 31.57 8.62
C MET C 298 23.80 32.05 7.21
N LEU C 299 23.55 31.19 6.24
CA LEU C 299 23.86 31.44 4.84
C LEU C 299 22.62 31.31 3.97
N GLY C 300 22.71 31.92 2.78
CA GLY C 300 21.66 31.78 1.81
C GLY C 300 21.75 30.48 1.03
N GLY C 301 21.50 30.53 -0.26
CA GLY C 301 21.46 29.32 -1.06
C GLY C 301 20.47 29.51 -2.20
N GLY C 302 19.69 28.46 -2.44
CA GLY C 302 18.71 28.49 -3.49
C GLY C 302 17.56 29.42 -3.12
N GLY C 303 16.65 29.56 -4.08
CA GLY C 303 15.50 30.44 -3.93
C GLY C 303 15.28 31.16 -5.25
N TYR C 304 14.21 30.81 -5.96
CA TYR C 304 14.06 31.16 -7.37
C TYR C 304 12.75 31.88 -7.67
N THR C 305 11.96 32.16 -6.63
CA THR C 305 10.81 33.10 -6.69
C THR C 305 11.19 34.29 -5.81
N ILE C 306 11.75 35.34 -6.42
CA ILE C 306 12.63 36.17 -5.61
C ILE C 306 11.87 37.02 -4.59
N ARG C 307 10.58 37.37 -4.83
CA ARG C 307 9.89 38.12 -3.78
C ARG C 307 9.74 37.29 -2.51
N ASN C 308 9.60 35.97 -2.65
CA ASN C 308 9.50 35.09 -1.49
C ASN C 308 10.86 34.85 -0.85
N VAL C 309 11.93 34.90 -1.64
CA VAL C 309 13.27 34.85 -1.04
C VAL C 309 13.51 36.06 -0.15
N ALA C 310 13.19 37.26 -0.66
CA ALA C 310 13.41 38.46 0.15
C ALA C 310 12.58 38.42 1.43
N ARG C 311 11.33 37.95 1.33
CA ARG C 311 10.48 37.76 2.51
C ARG C 311 11.13 36.80 3.50
N CYS C 312 11.56 35.65 3.00
CA CYS C 312 12.09 34.59 3.87
C CYS C 312 13.34 35.05 4.63
N TRP C 313 14.34 35.56 3.90
CA TRP C 313 15.59 35.93 4.55
C TRP C 313 15.44 37.20 5.40
N THR C 314 14.50 38.10 5.06
CA THR C 314 14.23 39.22 5.95
C THR C 314 13.70 38.73 7.29
N TYR C 315 12.70 37.84 7.24
CA TYR C 315 12.13 37.31 8.46
C TYR C 315 13.16 36.50 9.24
N GLU C 316 14.02 35.75 8.53
CA GLU C 316 14.99 34.95 9.25
C GLU C 316 16.08 35.81 9.88
N THR C 317 16.35 36.99 9.32
CA THR C 317 17.21 37.93 10.00
C THR C 317 16.53 38.46 11.25
N ALA C 318 15.22 38.68 11.18
CA ALA C 318 14.49 39.16 12.35
C ALA C 318 14.48 38.09 13.45
N VAL C 319 14.34 36.83 13.05
CA VAL C 319 14.42 35.69 13.98
C VAL C 319 15.77 35.69 14.69
N ALA C 320 16.85 35.80 13.91
CA ALA C 320 18.20 35.88 14.49
C ALA C 320 18.31 36.97 15.55
N LEU C 321 17.72 38.14 15.28
CA LEU C 321 17.75 39.30 16.17
C LEU C 321 16.70 39.25 17.28
N ASP C 322 15.89 38.19 17.35
CA ASP C 322 14.79 38.13 18.32
C ASP C 322 13.94 39.39 18.24
N CYS C 323 13.67 39.83 17.01
CA CYS C 323 12.86 41.02 16.77
C CYS C 323 11.62 40.60 16.01
N GLU C 324 10.45 40.86 16.61
CA GLU C 324 9.20 40.69 15.88
C GLU C 324 9.05 41.82 14.87
N ILE C 325 8.62 41.48 13.67
CA ILE C 325 8.39 42.52 12.67
C ILE C 325 6.97 42.40 12.13
N PRO C 326 6.34 43.52 11.80
CA PRO C 326 4.93 43.49 11.37
C PRO C 326 4.76 42.79 10.03
N ASN C 327 3.60 42.16 9.88
CA ASN C 327 3.23 41.49 8.65
C ASN C 327 3.05 42.47 7.49
N GLU C 328 2.74 43.73 7.78
CA GLU C 328 2.62 44.73 6.74
C GLU C 328 4.02 45.16 6.30
N LEU C 329 4.32 44.97 5.01
CA LEU C 329 5.64 45.34 4.52
C LEU C 329 5.85 46.85 4.59
N PRO C 330 7.01 47.31 5.06
CA PRO C 330 7.31 48.73 4.97
C PRO C 330 7.52 49.12 3.52
N TYR C 331 7.41 50.42 3.25
CA TYR C 331 7.77 50.86 1.92
C TYR C 331 9.23 50.54 1.66
N ASN C 332 9.57 50.23 0.41
CA ASN C 332 10.95 49.89 0.07
C ASN C 332 11.14 50.06 -1.43
N ASP C 333 12.41 50.00 -1.88
CA ASP C 333 12.72 50.27 -3.29
C ASP C 333 12.11 49.26 -4.24
N TYR C 334 11.62 48.11 -3.73
CA TYR C 334 11.05 47.07 -4.58
C TYR C 334 9.61 46.78 -4.20
N PHE C 335 8.93 47.77 -3.60
CA PHE C 335 7.61 47.54 -3.01
C PHE C 335 6.65 46.85 -3.96
N GLU C 336 6.68 47.21 -5.24
CA GLU C 336 5.70 46.67 -6.18
C GLU C 336 5.88 45.18 -6.43
N TYR C 337 7.09 44.64 -6.21
CA TYR C 337 7.29 43.21 -6.40
C TYR C 337 6.43 42.37 -5.46
N PHE C 338 5.91 42.97 -4.38
CA PHE C 338 5.25 42.22 -3.33
C PHE C 338 3.73 42.29 -3.39
N GLY C 339 3.17 42.83 -4.47
CA GLY C 339 1.73 42.91 -4.59
C GLY C 339 1.11 41.56 -4.84
N PRO C 340 -0.23 41.49 -4.80
CA PRO C 340 -1.08 42.65 -4.49
C PRO C 340 -1.38 42.78 -2.99
N ASP C 341 -0.84 41.87 -2.18
CA ASP C 341 -1.07 41.83 -0.74
C ASP C 341 -0.10 42.72 0.03
N PHE C 342 1.17 42.78 -0.40
CA PHE C 342 2.20 43.57 0.29
C PHE C 342 2.35 43.13 1.75
N LYS C 343 2.21 41.83 1.99
CA LYS C 343 2.46 41.24 3.30
C LYS C 343 3.78 40.47 3.29
N LEU C 344 4.34 40.28 4.50
CA LEU C 344 5.61 39.56 4.68
C LEU C 344 5.43 38.04 4.60
N HIS C 345 4.39 37.52 5.23
CA HIS C 345 4.22 36.08 5.28
C HIS C 345 3.40 35.59 4.12
N ILE C 346 3.55 34.31 3.80
CA ILE C 346 2.91 33.75 2.63
C ILE C 346 2.03 32.58 3.06
N SER C 347 1.13 32.20 2.16
CA SER C 347 0.24 31.07 2.41
C SER C 347 0.65 29.85 1.60
N PRO C 348 0.48 28.66 2.15
CA PRO C 348 0.76 27.43 1.38
C PRO C 348 -0.22 27.25 0.26
N SER C 349 0.12 26.36 -0.66
CA SER C 349 -0.75 26.00 -1.76
C SER C 349 -1.56 24.76 -1.38
N ASN C 350 -2.40 24.30 -2.30
CA ASN C 350 -3.23 23.12 -2.12
C ASN C 350 -2.56 21.85 -2.62
N MET C 351 -1.26 21.89 -2.94
CA MET C 351 -0.61 20.71 -3.45
C MET C 351 -0.66 19.57 -2.42
N THR C 352 -0.69 18.35 -2.95
CA THR C 352 -0.77 17.16 -2.12
C THR C 352 0.58 16.91 -1.47
N ASN C 353 0.58 16.60 -0.16
CA ASN C 353 1.80 16.16 0.52
C ASN C 353 1.97 14.67 0.24
N GLN C 354 2.99 14.31 -0.57
CA GLN C 354 3.24 12.93 -0.92
C GLN C 354 4.07 12.20 0.13
N ASN C 355 4.42 12.88 1.22
CA ASN C 355 5.16 12.26 2.33
C ASN C 355 4.12 11.68 3.28
N THR C 356 3.82 10.39 3.12
CA THR C 356 2.85 9.73 4.00
C THR C 356 3.40 9.65 5.43
N PRO C 357 2.53 9.55 6.43
CA PRO C 357 3.01 9.32 7.79
C PRO C 357 3.90 8.09 7.92
N GLU C 358 3.57 7.00 7.22
CA GLU C 358 4.40 5.80 7.29
C GLU C 358 5.78 6.07 6.72
N TYR C 359 5.83 6.76 5.57
CA TYR C 359 7.12 7.06 4.95
C TYR C 359 7.99 7.89 5.89
N MET C 360 7.43 8.97 6.44
CA MET C 360 8.19 9.85 7.33
C MET C 360 8.68 9.10 8.56
N GLU C 361 7.84 8.26 9.16
CA GLU C 361 8.24 7.56 10.38
C GLU C 361 9.38 6.57 10.11
N LYS C 362 9.34 5.90 8.96
CA LYS C 362 10.35 4.92 8.63
C LYS C 362 11.70 5.60 8.40
N ILE C 363 11.70 6.74 7.70
CA ILE C 363 12.93 7.51 7.53
C ILE C 363 13.44 8.00 8.89
N LYS C 364 12.56 8.64 9.68
CA LYS C 364 12.96 9.10 11.01
C LYS C 364 13.54 7.97 11.86
N GLN C 365 12.91 6.79 11.80
CA GLN C 365 13.39 5.65 12.59
C GLN C 365 14.81 5.27 12.21
N ARG C 366 15.06 5.17 10.89
CA ARG C 366 16.40 4.84 10.43
C ARG C 366 17.41 5.89 10.88
N LEU C 367 17.07 7.18 10.80
CA LEU C 367 18.04 8.19 11.16
C LEU C 367 18.36 8.15 12.66
N PHE C 368 17.34 7.96 13.51
CA PHE C 368 17.60 7.80 14.94
C PHE C 368 18.51 6.61 15.22
N GLU C 369 18.31 5.50 14.51
CA GLU C 369 19.19 4.34 14.66
C GLU C 369 20.62 4.69 14.26
N ASN C 370 20.78 5.45 13.17
CA ASN C 370 22.13 5.84 12.75
C ASN C 370 22.77 6.78 13.78
N LEU C 371 21.98 7.68 14.35
CA LEU C 371 22.53 8.62 15.31
C LEU C 371 22.94 7.93 16.60
N ARG C 372 22.30 6.80 16.92
CA ARG C 372 22.72 6.01 18.08
C ARG C 372 24.05 5.30 17.86
N MET C 373 24.54 5.24 16.62
CA MET C 373 25.84 4.65 16.33
C MET C 373 27.00 5.60 16.58
N LEU C 374 26.77 6.86 16.94
CA LEU C 374 27.89 7.72 17.31
C LEU C 374 28.39 7.36 18.71
N PRO C 375 29.65 7.70 19.02
CA PRO C 375 30.13 7.49 20.39
C PRO C 375 29.45 8.43 21.39
N U2M D 1 10.92 -19.34 -22.72
CA U2M D 1 10.00 -19.76 -23.53
C U2M D 1 9.58 -18.89 -24.47
O U2M D 1 8.84 -19.22 -25.37
CB U2M D 1 8.78 -20.31 -22.70
CG U2M D 1 7.94 -19.23 -22.00
CD U2M D 1 7.22 -19.73 -20.74
CE U2M D 1 5.85 -20.43 -21.03
CZ U2M D 1 5.25 -21.14 -19.78
SH U2M D 1 3.69 -21.79 -19.83
N ASN D 2 10.18 -17.70 -24.47
CA ASN D 2 9.91 -16.78 -25.58
C ASN D 2 11.02 -16.89 -26.63
N PRO D 3 10.71 -17.40 -27.83
CA PRO D 3 11.76 -17.44 -28.86
C PRO D 3 12.34 -16.08 -29.18
N LYS D 4 11.51 -15.02 -29.14
CA LYS D 4 11.92 -13.70 -29.57
C LYS D 4 12.86 -13.00 -28.59
N GLN D 5 13.04 -13.55 -27.39
CA GLN D 5 13.85 -12.88 -26.39
C GLN D 5 14.34 -13.78 -25.28
N DLY D 6 15.62 -13.67 -24.96
CA DLY D 6 16.18 -14.35 -23.80
C DLY D 6 16.39 -15.83 -24.05
O DLY D 6 16.56 -16.25 -25.20
CB DLY D 6 17.54 -13.76 -23.46
CG DLY D 6 17.37 -12.40 -22.77
CD DLY D 6 18.75 -11.79 -22.56
CE DLY D 6 19.19 -12.10 -21.12
NZ DLY D 6 19.96 -10.99 -20.57
N TRP D 7 16.39 -16.60 -22.96
CA TRP D 7 16.81 -18.00 -22.99
C TRP D 7 15.69 -18.97 -22.64
N GLY D 8 14.45 -18.47 -22.55
CA GLY D 8 13.30 -19.24 -22.08
C GLY D 8 12.22 -19.53 -23.07
N U2M E 1 -22.80 -7.57 29.29
CA U2M E 1 -23.44 -7.21 28.22
C U2M E 1 -24.70 -7.71 28.06
O U2M E 1 -25.53 -7.13 27.42
CB U2M E 1 -22.51 -7.55 27.01
CG U2M E 1 -23.06 -6.91 25.68
CD U2M E 1 -21.96 -6.86 24.61
CE U2M E 1 -22.55 -6.19 23.34
CZ U2M E 1 -21.52 -5.41 22.51
SH U2M E 1 -21.96 -4.69 21.05
N ASN E 2 -24.99 -8.85 28.67
CA ASN E 2 -26.40 -9.29 28.82
C ASN E 2 -26.72 -9.77 30.24
N PRO E 3 -27.22 -8.87 31.09
CA PRO E 3 -27.47 -9.26 32.50
C PRO E 3 -28.44 -10.43 32.65
N LYS E 4 -29.34 -10.66 31.70
CA LYS E 4 -30.25 -11.80 31.80
C LYS E 4 -29.50 -13.13 31.73
N GLN E 5 -28.29 -13.14 31.20
CA GLN E 5 -27.50 -14.35 31.11
C GLN E 5 -26.28 -14.30 32.04
N DLY E 6 -26.31 -13.35 32.97
CA DLY E 6 -25.27 -13.27 34.00
C DLY E 6 -24.00 -12.66 33.45
O DLY E 6 -22.89 -12.89 34.00
CB DLY E 6 -25.72 -12.37 35.15
CG DLY E 6 -26.18 -13.25 36.31
CD DLY E 6 -27.55 -13.87 35.98
CE DLY E 6 -28.35 -14.06 37.26
NZ DLY E 6 -27.76 -15.11 38.08
N TRP E 7 -24.13 -11.87 32.38
CA TRP E 7 -23.01 -11.16 31.80
C TRP E 7 -23.23 -9.67 31.89
N GLY E 8 -22.15 -8.91 31.85
CA GLY E 8 -22.27 -7.48 31.69
C GLY E 8 -23.11 -7.04 30.49
N U2M F 1 19.10 21.05 -12.67
CA U2M F 1 18.49 21.78 -11.82
C U2M F 1 17.41 22.43 -12.26
O U2M F 1 16.51 22.67 -11.52
CB U2M F 1 19.51 22.80 -11.25
CG U2M F 1 19.02 23.35 -9.87
CD U2M F 1 20.09 24.03 -9.02
CE U2M F 1 19.48 24.73 -7.78
CZ U2M F 1 20.38 24.70 -6.52
SH U2M F 1 20.05 25.46 -5.11
N ASN F 2 17.36 22.77 -13.54
CA ASN F 2 16.09 23.23 -14.12
C ASN F 2 15.75 22.44 -15.37
N PRO F 3 14.93 21.40 -15.22
CA PRO F 3 14.64 20.51 -16.36
C PRO F 3 14.01 21.23 -17.54
N LYS F 4 13.24 22.30 -17.31
CA LYS F 4 12.57 22.98 -18.41
C LYS F 4 13.55 23.60 -19.39
N GLN F 5 14.78 23.88 -18.97
CA GLN F 5 15.78 24.45 -19.87
C GLN F 5 16.95 23.49 -20.08
N DLY F 6 16.64 22.19 -20.19
CA DLY F 6 17.62 21.18 -20.59
C DLY F 6 18.56 20.74 -19.47
O DLY F 6 19.49 19.93 -19.71
CB DLY F 6 16.91 19.94 -21.13
N TRP F 7 18.33 21.23 -18.25
CA TRP F 7 19.28 21.04 -17.16
C TRP F 7 18.84 20.05 -16.10
N GLY F 8 19.76 19.72 -15.21
CA GLY F 8 19.42 19.01 -13.99
C GLY F 8 18.59 19.88 -13.07
ZN ZN G . 3.62 -23.41 -21.41
NA NA H . 3.15 -30.36 -19.74
NA NA I . 6.24 -37.34 -6.45
C3' NHE J . -24.72 -30.43 -9.37
C2' NHE J . -25.64 -31.64 -9.27
C1' NHE J . -26.72 -31.52 -10.34
C6' NHE J . -26.06 -31.84 -11.68
N NHE J . -27.89 -32.37 -10.09
C1 NHE J . -27.59 -33.46 -9.16
C2 NHE J . -28.90 -34.11 -8.73
S NHE J . -29.76 -34.92 -10.12
O1 NHE J . -30.85 -35.77 -9.60
O2 NHE J . -30.23 -33.89 -11.15
O3 NHE J . -28.93 -36.03 -10.71
C5' NHE J . -24.84 -30.93 -11.90
C4' NHE J . -24.59 -29.90 -10.79
O1 PG4 K . 7.56 -27.06 3.52
C1 PG4 K . 7.07 -28.16 2.79
C2 PG4 K . 6.66 -27.69 1.39
O2 PG4 K . 6.93 -28.68 0.44
C3 PG4 K . 6.38 -29.93 0.76
C4 PG4 K . 6.50 -30.88 -0.44
O3 PG4 K . 7.13 -32.05 -0.01
C5 PG4 K . 6.41 -33.24 -0.23
C6 PG4 K . 5.02 -33.15 0.41
O4 PG4 K . 4.73 -34.27 1.23
C7 PG4 K . 4.35 -33.96 2.55
C8 PG4 K . 3.54 -32.65 2.60
O5 PG4 K . 4.39 -31.57 2.89
O1 PG4 L . -7.79 -13.13 -41.60
C1 PG4 L . -6.53 -13.27 -41.00
C2 PG4 L . -6.57 -14.42 -39.98
O2 PG4 L . -5.94 -14.03 -38.80
C3 PG4 L . -6.65 -14.35 -37.63
C4 PG4 L . -6.52 -13.20 -36.64
O3 PG4 L . -7.63 -13.18 -35.78
C5 PG4 L . -8.35 -11.98 -35.87
C6 PG4 L . -7.48 -10.86 -35.33
O4 PG4 L . -8.23 -9.70 -35.22
C7 PG4 L . -7.74 -8.75 -34.31
C8 PG4 L . -8.09 -9.19 -32.89
O5 PG4 L . -7.58 -8.28 -31.96
O1 PG4 M . -9.84 -1.16 -13.26
C1 PG4 M . -9.60 -1.10 -11.87
C2 PG4 M . -9.53 -2.51 -11.28
O2 PG4 M . -8.30 -3.11 -11.65
C3 PG4 M . -7.42 -3.36 -10.59
C4 PG4 M . -6.24 -4.16 -11.11
O3 PG4 M . -5.53 -3.40 -12.07
C5 PG4 M . -4.14 -3.65 -12.14
C6 PG4 M . -3.36 -2.33 -12.21
O4 PG4 M . -2.46 -2.22 -11.14
C7 PG4 M . -2.97 -1.78 -9.89
C8 PG4 M . -2.04 -2.18 -8.74
O5 PG4 M . -1.14 -1.16 -8.36
C1 PGE N . -17.84 -26.06 12.63
O1 PGE N . -16.70 -26.89 12.72
C2 PGE N . -17.35 -24.76 12.02
O2 PGE N . -18.39 -23.98 11.53
C3 PGE N . -17.94 -22.85 10.82
C4 PGE N . -17.05 -23.30 9.68
O4 PGE N . -14.66 -24.31 6.71
C6 PGE N . -15.84 -24.24 7.47
C5 PGE N . -16.38 -22.80 7.52
O3 PGE N . -17.39 -22.65 8.50
C1 PEG O . -8.16 -4.66 -22.91
O1 PEG O . -8.44 -3.44 -23.55
C2 PEG O . -6.84 -5.23 -23.40
O2 PEG O . -5.76 -4.67 -22.68
C3 PEG O . -5.58 -5.15 -21.38
C4 PEG O . -4.21 -4.69 -20.83
O4 PEG O . -4.35 -3.73 -19.83
ZN ZN P . -23.38 -2.94 21.32
NA NA Q . -21.42 3.91 20.60
NA NA R . -7.33 9.95 20.44
C3' NHE S . -12.08 -21.45 3.88
C2' NHE S . -13.31 -21.02 3.09
C1' NHE S . -14.23 -20.06 3.85
C6' NHE S . -13.42 -19.15 4.72
N NHE S . -15.11 -19.23 3.04
C1 NHE S . -15.35 -19.57 1.65
C2 NHE S . -16.87 -19.53 1.59
S NHE S . -17.53 -19.89 -0.06
O1 NHE S . -17.01 -18.81 -0.95
O2 NHE S . -19.02 -19.62 -0.10
O3 NHE S . -17.20 -21.29 -0.55
C5' NHE S . -12.90 -19.98 5.89
C4' NHE S . -12.07 -21.19 5.40
C1 PGE T . -40.69 -11.76 14.14
O1 PGE T . -41.83 -10.98 14.42
C2 PGE T . -41.03 -12.73 13.03
O2 PGE T . -40.85 -14.05 13.50
C3 PGE T . -40.90 -15.00 12.47
C4 PGE T . -40.12 -16.27 12.84
O4 PGE T . -36.28 -18.60 11.83
C6 PGE T . -36.74 -17.40 12.40
C5 PGE T . -38.18 -17.18 11.92
O3 PGE T . -38.77 -16.07 12.57
O1 PG4 U . -41.30 7.12 7.51
C1 PG4 U . -41.71 5.88 7.99
C2 PG4 U . -42.43 5.09 6.91
O2 PG4 U . -41.63 5.03 5.75
C3 PG4 U . -41.56 3.76 5.17
C4 PG4 U . -41.13 3.89 3.72
O3 PG4 U . -39.97 4.68 3.59
C5 PG4 U . -39.33 4.54 2.34
C6 PG4 U . -38.02 5.37 2.33
O4 PG4 U . -38.31 6.72 2.55
C7 PG4 U . -37.24 7.54 2.94
C8 PG4 U . -37.77 8.97 3.13
O5 PG4 U . -38.60 9.08 4.26
C1 PGE V . 0.33 6.44 17.18
O1 PGE V . 0.19 6.15 15.81
C2 PGE V . -1.01 6.17 17.85
O2 PGE V . -0.83 5.88 19.22
C3 PGE V . -0.53 4.53 19.48
C4 PGE V . -1.47 3.63 18.69
O4 PGE V . -0.10 -0.19 17.91
C6 PGE V . -0.44 1.17 18.00
C5 PGE V . -0.90 1.45 19.43
O3 PGE V . -1.81 2.50 19.47
ZN ZN W . 18.30 24.44 -4.18
NA NA X . 18.89 20.38 1.65
NA NA Y . 31.44 14.29 7.96
C1 PGE Z . 38.97 19.01 3.15
O1 PGE Z . 40.19 19.59 3.55
C2 PGE Z . 38.46 18.07 4.23
O2 PGE Z . 38.74 18.54 5.52
C3 PGE Z . 38.43 17.56 6.48
C4 PGE Z . 38.54 18.14 7.88
O4 PGE Z . 42.01 18.18 10.27
C6 PGE Z . 41.58 19.29 9.54
C5 PGE Z . 40.07 19.20 9.32
O3 PGE Z . 39.78 18.77 8.02
O1 PG4 AA . 43.98 29.38 22.56
C1 PG4 AA . 43.78 28.29 23.42
C2 PG4 AA . 44.30 27.01 22.75
O2 PG4 AA . 43.22 26.40 22.09
C3 PG4 AA . 43.30 25.00 22.04
C4 PG4 AA . 41.89 24.43 21.91
O3 PG4 AA . 41.44 24.51 20.58
C5 PG4 AA . 40.31 23.71 20.33
C6 PG4 AA . 39.90 23.80 18.86
O4 PG4 AA . 40.60 22.83 18.14
C7 PG4 AA . 40.64 23.09 16.76
C8 PG4 AA . 41.61 22.14 16.07
O5 PG4 AA . 41.25 20.81 16.33
C1 PGE BA . 29.29 46.68 -10.06
O1 PGE BA . 28.49 47.07 -8.98
C2 PGE BA . 29.31 45.15 -10.13
O2 PGE BA . 29.13 44.76 -11.46
C3 PGE BA . 28.63 43.47 -11.60
C4 PGE BA . 28.15 43.26 -13.03
O4 PGE BA . 31.21 43.27 -15.59
C6 PGE BA . 30.08 43.89 -16.10
C5 PGE BA . 28.85 43.51 -15.26
O3 PGE BA . 29.19 43.60 -13.90
#